data_3LMK
#
_entry.id   3LMK
#
_cell.length_a   71.875
_cell.length_b   98.346
_cell.length_c   155.239
_cell.angle_alpha   90.00
_cell.angle_beta   90.00
_cell.angle_gamma   90.00
#
_symmetry.space_group_name_H-M   'P 21 21 21'
#
loop_
_entity.id
_entity.type
_entity.pdbx_description
1 polymer 'Metabotropic glutamate receptor 5'
2 non-polymer 2-acetamido-2-deoxy-beta-D-glucopyranose
3 non-polymer 'GLUTAMIC ACID'
4 non-polymer 'MAGNESIUM ION'
5 water water
#
_entity_poly.entity_id   1
_entity_poly.type   'polypeptide(L)'
_entity_poly.pdbx_seq_one_letter_code
;GAMDGSAQSSERRVVAHMPGDIIIGALFSVHHQPTVDKVHERKCGAVREQYGIQRVEAMLHTLERINSDPTLLPNITLGC
EIRDSCWHSAVALEQSIEFIRDSLISSEEEEGLVRCVDGSSSSFRSKKPIVGVIGPGSSSVAIQVQNLLQLFNIPQIAYS
ATSMDLSDKTLFKYFMRVVPSDAQQARAMVDIVKRYNWTYVSAVHTEGNYGESGMEAFKDMSAKEGISIAHSYKIYSNAG
EQSFDKLLKKLTSHLPKARVVACFCEGMTVRGLLMAMRRLGLAGEFLLLGSDGWADRYDVTDGYQREAVGGITIKLQSPD
VKWFDDYYLKLRPETNHRNPWFQEFWQHRFQCRLEGFPQENSKYNKTCNSSLTLKTHHVQDSKMGFVINAIYSMAYGLHN
MQMSLCPGYAGLCDAMKPIDGRKLLESLMKTNFTGVSGDTILFDENGDSPGRYEIMNFKEMGKDYFDYINVGSWDNGELK
MDDDEVWSKKSN
;
_entity_poly.pdbx_strand_id   A,B
#
# COMPACT_ATOMS: atom_id res chain seq x y z
N ARG A 12 18.42 -10.70 -15.81
CA ARG A 12 16.98 -11.02 -15.62
C ARG A 12 16.83 -12.08 -14.53
N ARG A 13 15.66 -12.12 -13.91
CA ARG A 13 15.37 -13.06 -12.83
C ARG A 13 14.95 -14.42 -13.41
N VAL A 14 15.37 -15.48 -12.72
CA VAL A 14 15.08 -16.87 -13.12
C VAL A 14 13.60 -17.24 -12.92
N VAL A 15 13.09 -18.07 -13.83
CA VAL A 15 11.68 -18.46 -13.87
C VAL A 15 11.55 -19.98 -14.04
N ALA A 16 10.51 -20.57 -13.45
CA ALA A 16 10.19 -21.98 -13.71
C ALA A 16 9.04 -22.04 -14.70
N HIS A 17 9.27 -22.76 -15.81
CA HIS A 17 8.33 -22.80 -16.92
C HIS A 17 7.74 -24.20 -17.11
N MET A 18 6.49 -24.24 -17.53
CA MET A 18 5.80 -25.46 -17.89
C MET A 18 4.78 -25.10 -18.96
N PRO A 19 4.85 -25.75 -20.14
CA PRO A 19 3.96 -25.35 -21.25
C PRO A 19 2.52 -25.83 -21.07
N GLY A 20 1.61 -25.24 -21.85
CA GLY A 20 0.20 -25.63 -21.81
C GLY A 20 -0.67 -24.81 -22.74
N ASP A 21 -1.96 -25.12 -22.77
CA ASP A 21 -2.94 -24.32 -23.52
C ASP A 21 -3.39 -23.14 -22.66
N ILE A 22 -3.28 -23.32 -21.35
CA ILE A 22 -3.64 -22.28 -20.37
C ILE A 22 -2.49 -22.15 -19.37
N ILE A 23 -1.91 -20.96 -19.29
CA ILE A 23 -0.81 -20.72 -18.36
C ILE A 23 -1.30 -19.99 -17.12
N ILE A 24 -0.89 -20.54 -15.97
CA ILE A 24 -1.18 -19.98 -14.66
C ILE A 24 0.12 -19.46 -14.05
N GLY A 25 0.07 -18.27 -13.44
CA GLY A 25 1.22 -17.68 -12.78
C GLY A 25 1.26 -18.04 -11.31
N ALA A 26 2.45 -17.97 -10.74
CA ALA A 26 2.58 -18.24 -9.32
C ALA A 26 3.73 -17.46 -8.74
N LEU A 27 3.54 -17.05 -7.49
CA LEU A 27 4.56 -16.37 -6.74
C LEU A 27 4.93 -17.09 -5.45
N PHE A 28 6.18 -17.53 -5.34
CA PHE A 28 6.67 -18.15 -4.11
C PHE A 28 7.95 -17.46 -3.67
N SER A 29 8.21 -17.44 -2.36
CA SER A 29 9.46 -16.88 -1.86
C SER A 29 10.52 -17.96 -1.90
N VAL A 30 11.19 -18.03 -3.04
CA VAL A 30 12.24 -19.00 -3.32
C VAL A 30 13.56 -18.58 -2.66
N HIS A 31 13.73 -17.27 -2.48
CA HIS A 31 14.83 -16.74 -1.69
C HIS A 31 14.28 -15.81 -0.61
N HIS A 32 15.07 -15.58 0.44
CA HIS A 32 14.74 -14.61 1.50
C HIS A 32 14.71 -13.18 0.98
N GLN A 33 13.97 -12.31 1.67
CA GLN A 33 13.91 -10.92 1.26
C GLN A 33 15.30 -10.26 1.25
N PRO A 34 15.45 -9.16 0.49
CA PRO A 34 16.66 -8.35 0.55
C PRO A 34 17.03 -7.97 1.99
N THR A 35 18.32 -7.99 2.26
CA THR A 35 18.83 -7.67 3.59
C THR A 35 19.40 -6.26 3.54
N VAL A 36 18.79 -5.34 4.29
CA VAL A 36 19.25 -3.95 4.40
C VAL A 36 20.80 -3.88 4.41
N ASP A 37 21.40 -3.47 3.30
CA ASP A 37 20.67 -3.04 2.10
C ASP A 37 21.22 -3.62 0.79
N LYS A 38 20.59 -4.70 0.34
CA LYS A 38 20.61 -5.07 -1.07
C LYS A 38 19.25 -4.63 -1.65
N VAL A 39 18.52 -3.87 -0.83
CA VAL A 39 17.13 -3.47 -1.06
C VAL A 39 16.82 -2.79 -2.41
N HIS A 40 17.59 -1.76 -2.75
CA HIS A 40 17.35 -0.93 -3.93
C HIS A 40 17.68 -1.62 -5.24
N GLU A 41 18.68 -2.50 -5.19
CA GLU A 41 19.05 -3.33 -6.33
C GLU A 41 18.08 -4.51 -6.41
N ARG A 42 17.38 -4.75 -5.31
CA ARG A 42 16.40 -5.85 -5.19
C ARG A 42 17.06 -7.20 -5.35
N LYS A 43 18.24 -7.33 -4.75
CA LYS A 43 18.96 -8.59 -4.71
C LYS A 43 18.45 -9.32 -3.48
N CYS A 44 18.12 -10.59 -3.66
CA CYS A 44 17.56 -11.38 -2.58
C CYS A 44 18.66 -12.16 -1.89
N GLY A 45 18.32 -12.90 -0.84
CA GLY A 45 19.28 -13.69 -0.08
C GLY A 45 19.15 -15.19 -0.31
N ALA A 46 19.48 -15.97 0.73
CA ALA A 46 19.57 -17.42 0.66
C ALA A 46 18.27 -18.09 0.19
N VAL A 47 18.44 -19.19 -0.54
CA VAL A 47 17.35 -20.01 -1.03
C VAL A 47 16.56 -20.63 0.13
N ARG A 48 15.25 -20.79 -0.06
CA ARG A 48 14.37 -21.31 0.99
C ARG A 48 13.73 -22.63 0.58
N GLU A 49 13.64 -23.56 1.53
CA GLU A 49 13.08 -24.88 1.23
C GLU A 49 11.54 -24.96 1.30
N GLN A 50 10.99 -24.87 2.51
CA GLN A 50 9.56 -25.05 2.72
C GLN A 50 8.74 -23.97 2.02
N TYR A 51 9.23 -22.74 2.11
CA TYR A 51 8.54 -21.59 1.55
C TYR A 51 8.87 -21.33 0.08
N GLY A 52 9.86 -22.05 -0.45
CA GLY A 52 10.30 -21.84 -1.83
C GLY A 52 10.26 -23.09 -2.67
N ILE A 53 11.38 -23.80 -2.67
CA ILE A 53 11.55 -25.02 -3.42
C ILE A 53 10.37 -25.99 -3.27
N GLN A 54 9.89 -26.23 -2.05
CA GLN A 54 8.78 -27.18 -1.86
C GLN A 54 7.48 -26.73 -2.50
N ARG A 55 7.24 -25.42 -2.44
CA ARG A 55 6.06 -24.83 -3.07
C ARG A 55 6.18 -24.81 -4.61
N VAL A 56 7.34 -24.41 -5.10
CA VAL A 56 7.63 -24.49 -6.53
C VAL A 56 7.30 -25.90 -6.98
N GLU A 57 7.79 -26.89 -6.23
CA GLU A 57 7.63 -28.29 -6.60
C GLU A 57 6.19 -28.77 -6.54
N ALA A 58 5.45 -28.30 -5.53
CA ALA A 58 4.02 -28.61 -5.41
C ALA A 58 3.25 -28.05 -6.61
N MET A 59 3.58 -26.83 -7.03
CA MET A 59 2.93 -26.20 -8.18
C MET A 59 3.18 -27.06 -9.41
N LEU A 60 4.44 -27.39 -9.67
CA LEU A 60 4.82 -28.20 -10.82
C LEU A 60 4.08 -29.53 -10.83
N HIS A 61 4.09 -30.23 -9.71
CA HIS A 61 3.55 -31.59 -9.65
C HIS A 61 2.02 -31.61 -9.61
N THR A 62 1.42 -30.62 -8.95
CA THR A 62 -0.04 -30.52 -8.92
C THR A 62 -0.60 -30.41 -10.34
N LEU A 63 0.06 -29.61 -11.19
CA LEU A 63 -0.37 -29.46 -12.58
C LEU A 63 -0.23 -30.76 -13.35
N GLU A 64 0.86 -31.47 -13.13
CA GLU A 64 1.04 -32.81 -13.71
C GLU A 64 -0.11 -33.72 -13.31
N ARG A 65 -0.52 -33.67 -12.04
CA ARG A 65 -1.59 -34.53 -11.52
C ARG A 65 -2.93 -34.17 -12.13
N ILE A 66 -3.19 -32.87 -12.26
CA ILE A 66 -4.39 -32.36 -12.93
C ILE A 66 -4.41 -32.79 -14.42
N ASN A 67 -3.29 -32.60 -15.10
CA ASN A 67 -3.18 -32.97 -16.51
C ASN A 67 -3.35 -34.47 -16.75
N SER A 68 -3.11 -35.27 -15.71
CA SER A 68 -3.29 -36.72 -15.75
C SER A 68 -4.70 -37.15 -15.37
N ASP A 69 -5.41 -36.29 -14.65
CA ASP A 69 -6.79 -36.54 -14.24
C ASP A 69 -7.74 -36.20 -15.40
N PRO A 70 -8.45 -37.21 -15.93
CA PRO A 70 -9.32 -36.97 -17.08
C PRO A 70 -10.70 -36.38 -16.70
N THR A 71 -11.03 -36.37 -15.41
CA THR A 71 -12.27 -35.74 -14.93
C THR A 71 -12.11 -34.22 -14.83
N LEU A 72 -10.88 -33.73 -14.92
CA LEU A 72 -10.59 -32.31 -14.73
C LEU A 72 -9.82 -31.70 -15.89
N LEU A 73 -10.48 -30.80 -16.61
CA LEU A 73 -9.94 -30.13 -17.80
C LEU A 73 -9.38 -31.14 -18.83
N PRO A 74 -10.26 -32.00 -19.39
CA PRO A 74 -9.79 -32.96 -20.39
C PRO A 74 -9.36 -32.29 -21.70
N ASN A 75 -8.27 -32.78 -22.28
CA ASN A 75 -7.67 -32.27 -23.51
C ASN A 75 -6.97 -30.89 -23.38
N ILE A 76 -7.07 -30.27 -22.21
CA ILE A 76 -6.38 -29.01 -21.96
C ILE A 76 -5.14 -29.28 -21.12
N THR A 77 -4.01 -28.75 -21.55
CA THR A 77 -2.80 -28.83 -20.74
C THR A 77 -2.64 -27.53 -19.96
N LEU A 78 -2.49 -27.64 -18.63
CA LEU A 78 -2.17 -26.50 -17.79
C LEU A 78 -0.67 -26.35 -17.64
N GLY A 79 -0.18 -25.18 -18.01
CA GLY A 79 1.20 -24.82 -17.79
C GLY A 79 1.30 -23.74 -16.74
N CYS A 80 2.53 -23.29 -16.48
CA CYS A 80 2.74 -22.28 -15.47
C CYS A 80 3.93 -21.37 -15.73
N GLU A 81 3.94 -20.25 -15.02
CA GLU A 81 5.05 -19.35 -14.98
C GLU A 81 5.24 -19.07 -13.50
N ILE A 82 6.29 -19.64 -12.92
CA ILE A 82 6.51 -19.57 -11.49
C ILE A 82 7.63 -18.58 -11.22
N ARG A 83 7.32 -17.55 -10.44
CA ARG A 83 8.28 -16.47 -10.22
C ARG A 83 8.59 -16.28 -8.75
N ASP A 84 9.77 -15.73 -8.49
CA ASP A 84 10.29 -15.54 -7.14
C ASP A 84 9.84 -14.18 -6.59
N SER A 85 9.16 -14.19 -5.44
CA SER A 85 8.71 -12.94 -4.82
C SER A 85 9.73 -12.42 -3.82
N CYS A 86 10.57 -13.32 -3.31
CA CYS A 86 11.49 -13.02 -2.22
C CYS A 86 10.75 -12.44 -1.01
N TRP A 87 9.45 -12.68 -0.94
CA TRP A 87 8.61 -12.21 0.18
C TRP A 87 8.76 -10.72 0.36
N HIS A 88 8.81 -10.01 -0.76
CA HIS A 88 9.11 -8.59 -0.80
C HIS A 88 8.14 -7.91 -1.77
N SER A 89 7.56 -6.79 -1.34
CA SER A 89 6.63 -6.02 -2.17
C SER A 89 7.20 -5.55 -3.50
N ALA A 90 8.42 -5.00 -3.49
CA ALA A 90 8.99 -4.49 -4.73
C ALA A 90 9.32 -5.61 -5.74
N VAL A 91 10.11 -6.59 -5.32
CA VAL A 91 10.39 -7.77 -6.15
C VAL A 91 9.08 -8.38 -6.71
N ALA A 92 8.10 -8.60 -5.84
CA ALA A 92 6.82 -9.21 -6.22
C ALA A 92 6.08 -8.40 -7.31
N LEU A 93 6.05 -7.08 -7.14
CA LEU A 93 5.47 -6.20 -8.12
C LEU A 93 6.28 -6.24 -9.42
N GLU A 94 7.60 -6.15 -9.27
CA GLU A 94 8.53 -6.26 -10.40
C GLU A 94 8.25 -7.53 -11.21
N GLN A 95 8.20 -8.67 -10.53
CA GLN A 95 7.93 -9.93 -11.20
C GLN A 95 6.52 -9.97 -11.78
N SER A 96 5.57 -9.37 -11.07
CA SER A 96 4.18 -9.32 -11.52
C SER A 96 4.01 -8.55 -12.83
N ILE A 97 4.87 -7.55 -13.07
CA ILE A 97 4.85 -6.86 -14.34
C ILE A 97 5.23 -7.81 -15.49
N GLU A 98 6.10 -8.77 -15.21
CA GLU A 98 6.45 -9.77 -16.22
C GLU A 98 5.24 -10.63 -16.61
N PHE A 99 4.30 -10.80 -15.69
CA PHE A 99 3.06 -11.50 -16.01
C PHE A 99 2.20 -10.73 -17.02
N ILE A 100 2.23 -9.40 -16.96
CA ILE A 100 1.26 -8.59 -17.69
C ILE A 100 1.79 -7.90 -18.96
N ARG A 101 2.91 -8.39 -19.48
CA ARG A 101 3.58 -7.75 -20.61
C ARG A 101 3.74 -8.60 -21.91
N ASP A 102 2.65 -9.01 -22.57
CA ASP A 102 1.27 -8.67 -22.24
C ASP A 102 0.38 -9.92 -22.24
N LYS A 128 2.39 -16.37 -24.25
CA LYS A 128 0.98 -16.63 -23.93
C LYS A 128 0.55 -15.87 -22.68
N PRO A 129 -0.68 -15.32 -22.69
CA PRO A 129 -1.21 -14.57 -21.54
C PRO A 129 -1.27 -15.39 -20.26
N ILE A 130 -0.99 -14.73 -19.15
CA ILE A 130 -1.20 -15.33 -17.84
C ILE A 130 -2.66 -15.10 -17.47
N VAL A 131 -3.31 -16.15 -17.01
CA VAL A 131 -4.75 -16.15 -16.83
C VAL A 131 -5.13 -16.00 -15.35
N GLY A 132 -4.25 -16.44 -14.46
CA GLY A 132 -4.52 -16.42 -13.04
C GLY A 132 -3.23 -16.53 -12.25
N VAL A 133 -3.27 -16.12 -10.99
CA VAL A 133 -2.07 -16.07 -10.20
C VAL A 133 -2.28 -16.74 -8.84
N ILE A 134 -1.34 -17.62 -8.51
CA ILE A 134 -1.32 -18.25 -7.20
C ILE A 134 -0.30 -17.49 -6.36
N GLY A 135 -0.71 -17.11 -5.15
CA GLY A 135 0.18 -16.41 -4.22
C GLY A 135 0.02 -14.91 -4.32
N PRO A 136 0.92 -14.15 -3.69
CA PRO A 136 2.06 -14.55 -2.88
C PRO A 136 1.64 -14.81 -1.43
N GLY A 137 2.61 -15.02 -0.55
CA GLY A 137 2.33 -15.58 0.77
C GLY A 137 1.88 -14.55 1.79
N SER A 138 2.50 -13.39 1.72
CA SER A 138 2.38 -12.36 2.72
C SER A 138 1.32 -11.37 2.29
N SER A 139 0.51 -10.93 3.26
CA SER A 139 -0.63 -10.04 3.02
C SER A 139 -0.27 -8.72 2.34
N SER A 140 0.71 -8.00 2.88
CA SER A 140 1.04 -6.70 2.29
C SER A 140 1.67 -6.87 0.91
N VAL A 141 2.39 -7.98 0.71
CA VAL A 141 2.91 -8.33 -0.62
C VAL A 141 1.75 -8.67 -1.60
N ALA A 142 0.72 -9.36 -1.10
CA ALA A 142 -0.42 -9.79 -1.90
C ALA A 142 -1.27 -8.61 -2.31
N ILE A 143 -1.45 -7.69 -1.36
CA ILE A 143 -2.00 -6.36 -1.67
C ILE A 143 -1.27 -5.70 -2.85
N GLN A 144 0.04 -5.53 -2.76
CA GLN A 144 0.76 -4.87 -3.86
C GLN A 144 0.51 -5.57 -5.21
N VAL A 145 0.44 -6.90 -5.18
CA VAL A 145 0.26 -7.69 -6.39
C VAL A 145 -1.18 -7.57 -6.90
N GLN A 146 -2.14 -7.55 -5.97
CA GLN A 146 -3.54 -7.43 -6.31
C GLN A 146 -3.88 -6.09 -6.95
N ASN A 147 -3.25 -5.02 -6.48
CA ASN A 147 -3.45 -3.70 -7.04
C ASN A 147 -3.08 -3.65 -8.53
N LEU A 148 -2.07 -4.43 -8.92
CA LEU A 148 -1.70 -4.53 -10.33
C LEU A 148 -2.61 -5.51 -11.06
N LEU A 149 -2.86 -6.67 -10.46
CA LEU A 149 -3.60 -7.69 -11.16
C LEU A 149 -5.05 -7.31 -11.49
N GLN A 150 -5.73 -6.64 -10.56
CA GLN A 150 -7.12 -6.20 -10.79
C GLN A 150 -7.29 -5.36 -12.06
N LEU A 151 -6.24 -4.61 -12.41
CA LEU A 151 -6.26 -3.73 -13.57
C LEU A 151 -6.29 -4.45 -14.91
N PHE A 152 -5.91 -5.73 -14.90
CA PHE A 152 -5.79 -6.54 -16.09
C PHE A 152 -6.77 -7.70 -16.05
N ASN A 153 -7.67 -7.66 -15.06
CA ASN A 153 -8.69 -8.68 -14.85
C ASN A 153 -8.12 -10.09 -14.67
N ILE A 154 -7.12 -10.23 -13.79
CA ILE A 154 -6.43 -11.50 -13.57
C ILE A 154 -6.66 -11.99 -12.15
N PRO A 155 -7.46 -13.04 -11.97
CA PRO A 155 -7.78 -13.49 -10.62
C PRO A 155 -6.55 -13.97 -9.85
N GLN A 156 -6.56 -13.73 -8.55
CA GLN A 156 -5.45 -14.04 -7.68
C GLN A 156 -5.97 -14.91 -6.55
N ILE A 157 -5.38 -16.08 -6.35
CA ILE A 157 -5.81 -16.94 -5.25
C ILE A 157 -4.65 -17.14 -4.28
N ALA A 158 -4.80 -16.68 -3.05
CA ALA A 158 -3.73 -16.83 -2.04
C ALA A 158 -3.91 -18.09 -1.20
N TYR A 159 -2.78 -18.62 -0.74
CA TYR A 159 -2.73 -19.77 0.17
C TYR A 159 -2.45 -19.38 1.64
N SER A 160 -1.91 -18.18 1.91
CA SER A 160 -1.46 -17.87 3.29
C SER A 160 -1.60 -16.41 3.75
N ALA A 161 -2.16 -15.56 2.89
CA ALA A 161 -2.40 -14.16 3.20
C ALA A 161 -3.73 -14.05 3.93
N THR A 162 -3.67 -13.61 5.18
CA THR A 162 -4.75 -13.80 6.13
C THR A 162 -5.34 -12.50 6.67
N SER A 163 -4.90 -11.37 6.14
CA SER A 163 -5.36 -10.07 6.65
C SER A 163 -6.83 -9.81 6.32
N MET A 164 -7.57 -9.29 7.31
CA MET A 164 -8.97 -8.86 7.15
C MET A 164 -9.16 -7.92 5.96
N ASP A 165 -8.22 -6.99 5.77
CA ASP A 165 -8.27 -6.00 4.71
C ASP A 165 -8.65 -6.61 3.38
N LEU A 166 -8.08 -7.79 3.10
CA LEU A 166 -8.28 -8.46 1.83
C LEU A 166 -9.71 -8.96 1.63
N SER A 167 -10.54 -8.88 2.66
CA SER A 167 -11.96 -9.25 2.51
C SER A 167 -12.74 -8.22 1.70
N ASP A 168 -12.25 -6.98 1.67
CA ASP A 168 -12.94 -5.91 0.96
C ASP A 168 -12.86 -6.07 -0.55
N LYS A 169 -13.97 -6.52 -1.14
CA LYS A 169 -14.03 -6.81 -2.57
C LYS A 169 -14.10 -5.58 -3.47
N THR A 170 -14.44 -4.41 -2.91
CA THR A 170 -14.36 -3.16 -3.67
C THR A 170 -12.89 -2.73 -3.93
N LEU A 171 -12.00 -3.01 -2.97
CA LEU A 171 -10.57 -2.73 -3.13
C LEU A 171 -9.80 -3.86 -3.80
N PHE A 172 -10.24 -5.10 -3.55
CA PHE A 172 -9.52 -6.30 -3.97
C PHE A 172 -10.46 -7.27 -4.67
N LYS A 173 -11.12 -6.81 -5.72
CA LYS A 173 -12.15 -7.59 -6.43
C LYS A 173 -11.61 -8.90 -7.01
N TYR A 174 -10.39 -8.86 -7.51
CA TYR A 174 -9.81 -9.99 -8.20
C TYR A 174 -9.00 -10.92 -7.31
N PHE A 175 -9.22 -10.83 -6.00
CA PHE A 175 -8.49 -11.60 -4.99
C PHE A 175 -9.38 -12.55 -4.19
N MET A 176 -8.96 -13.81 -4.11
CA MET A 176 -9.61 -14.84 -3.27
C MET A 176 -8.52 -15.58 -2.53
N ARG A 177 -8.90 -16.35 -1.51
CA ARG A 177 -7.95 -17.17 -0.76
C ARG A 177 -8.58 -18.44 -0.21
N VAL A 178 -7.74 -19.42 0.09
CA VAL A 178 -8.21 -20.70 0.65
C VAL A 178 -7.90 -20.83 2.15
N VAL A 179 -7.82 -19.70 2.84
CA VAL A 179 -7.57 -19.66 4.28
C VAL A 179 -8.44 -18.56 4.88
N PRO A 180 -8.88 -18.72 6.15
CA PRO A 180 -9.77 -17.71 6.71
C PRO A 180 -9.02 -16.41 7.05
N SER A 181 -9.76 -15.30 7.13
CA SER A 181 -9.16 -14.01 7.49
C SER A 181 -8.78 -14.02 8.96
N ASP A 182 -7.88 -13.11 9.34
CA ASP A 182 -7.41 -13.01 10.70
C ASP A 182 -8.44 -12.47 11.67
N ALA A 183 -9.68 -12.31 11.22
CA ALA A 183 -10.78 -11.94 12.11
C ALA A 183 -10.94 -13.07 13.12
N GLN A 184 -10.84 -14.30 12.64
CA GLN A 184 -10.91 -15.48 13.51
C GLN A 184 -9.62 -15.73 14.32
N GLN A 185 -8.46 -15.60 13.68
CA GLN A 185 -7.18 -15.82 14.35
C GLN A 185 -6.98 -14.83 15.51
N ALA A 186 -7.39 -13.59 15.28
CA ALA A 186 -7.35 -12.56 16.31
C ALA A 186 -8.23 -12.94 17.49
N ARG A 187 -9.49 -13.29 17.20
CA ARG A 187 -10.47 -13.69 18.21
C ARG A 187 -9.97 -14.90 19.00
N ALA A 188 -9.37 -15.85 18.28
CA ALA A 188 -8.74 -17.03 18.85
C ALA A 188 -7.60 -16.68 19.79
N MET A 189 -6.79 -15.70 19.40
CA MET A 189 -5.65 -15.27 20.21
C MET A 189 -6.13 -14.62 21.51
N VAL A 190 -7.16 -13.79 21.40
CA VAL A 190 -7.81 -13.20 22.56
C VAL A 190 -8.30 -14.28 23.50
N ASP A 191 -8.95 -15.30 22.94
CA ASP A 191 -9.51 -16.39 23.74
C ASP A 191 -8.43 -17.18 24.46
N ILE A 192 -7.26 -17.30 23.86
CA ILE A 192 -6.11 -17.95 24.51
C ILE A 192 -5.62 -17.15 25.72
N VAL A 193 -5.60 -15.82 25.60
CA VAL A 193 -5.20 -14.94 26.70
C VAL A 193 -6.15 -15.13 27.89
N LYS A 194 -7.46 -15.08 27.61
CA LYS A 194 -8.50 -15.27 28.61
C LYS A 194 -8.45 -16.65 29.24
N ARG A 195 -8.17 -17.67 28.44
CA ARG A 195 -8.12 -19.06 28.93
C ARG A 195 -7.12 -19.25 30.06
N TYR A 196 -6.03 -18.48 30.04
CA TYR A 196 -5.04 -18.52 31.13
C TYR A 196 -5.18 -17.36 32.13
N ASN A 197 -6.36 -16.73 32.14
CA ASN A 197 -6.71 -15.65 33.06
C ASN A 197 -5.70 -14.49 33.11
N TRP A 198 -4.94 -14.33 32.02
CA TRP A 198 -4.02 -13.21 31.85
C TRP A 198 -4.82 -11.93 31.66
N THR A 199 -4.37 -10.85 32.32
CA THR A 199 -5.06 -9.56 32.28
C THR A 199 -4.17 -8.39 31.83
N TYR A 200 -2.88 -8.66 31.67
CA TYR A 200 -1.91 -7.62 31.30
C TYR A 200 -0.78 -8.21 30.46
N VAL A 201 -0.87 -8.01 29.15
CA VAL A 201 0.12 -8.54 28.20
C VAL A 201 0.75 -7.44 27.38
N SER A 202 1.96 -7.68 26.89
CA SER A 202 2.59 -6.83 25.89
C SER A 202 2.19 -7.26 24.48
N ALA A 203 2.38 -6.38 23.50
CA ALA A 203 2.00 -6.69 22.13
C ALA A 203 3.09 -6.28 21.12
N VAL A 204 3.38 -7.18 20.20
CA VAL A 204 4.38 -6.92 19.15
C VAL A 204 3.84 -7.40 17.81
N HIS A 205 3.91 -6.55 16.79
CA HIS A 205 3.52 -6.97 15.45
C HIS A 205 4.53 -6.58 14.39
N THR A 206 4.58 -7.36 13.31
CA THR A 206 5.51 -7.10 12.22
C THR A 206 4.96 -5.98 11.32
N GLU A 207 5.78 -4.94 11.15
CA GLU A 207 5.52 -3.87 10.21
C GLU A 207 5.07 -4.47 8.89
N GLY A 208 3.87 -4.08 8.46
CA GLY A 208 3.23 -4.64 7.31
C GLY A 208 1.75 -4.82 7.59
N ASN A 209 1.01 -5.13 6.54
CA ASN A 209 -0.44 -5.20 6.63
C ASN A 209 -0.94 -6.37 7.51
N TYR A 210 -0.22 -7.50 7.46
CA TYR A 210 -0.56 -8.67 8.25
C TYR A 210 -0.52 -8.41 9.76
N GLY A 211 0.62 -7.96 10.24
CA GLY A 211 0.84 -7.62 11.66
C GLY A 211 -0.03 -6.49 12.17
N GLU A 212 -0.06 -5.38 11.43
CA GLU A 212 -0.84 -4.19 11.80
C GLU A 212 -2.36 -4.49 11.80
N SER A 213 -2.84 -5.13 10.74
CA SER A 213 -4.27 -5.43 10.66
C SER A 213 -4.71 -6.47 11.69
N GLY A 214 -3.86 -7.46 11.94
CA GLY A 214 -4.14 -8.49 12.92
C GLY A 214 -4.03 -8.00 14.36
N MET A 215 -3.01 -7.19 14.65
CA MET A 215 -2.88 -6.63 15.99
C MET A 215 -4.02 -5.66 16.30
N GLU A 216 -4.43 -4.86 15.31
CA GLU A 216 -5.56 -3.96 15.51
C GLU A 216 -6.82 -4.75 15.89
N ALA A 217 -7.06 -5.84 15.17
CA ALA A 217 -8.18 -6.74 15.47
C ALA A 217 -8.08 -7.31 16.88
N PHE A 218 -6.84 -7.57 17.31
CA PHE A 218 -6.57 -8.12 18.64
C PHE A 218 -6.74 -7.06 19.75
N LYS A 219 -6.30 -5.83 19.51
CA LYS A 219 -6.42 -4.74 20.49
C LYS A 219 -7.89 -4.34 20.73
N ASP A 220 -8.62 -4.14 19.63
CA ASP A 220 -10.04 -3.74 19.65
C ASP A 220 -10.97 -4.90 19.99
N MET A 221 -10.42 -5.99 20.49
CA MET A 221 -11.17 -7.19 20.84
C MET A 221 -10.89 -7.47 22.30
N SER A 222 -9.61 -7.37 22.67
CA SER A 222 -9.16 -7.60 24.04
C SER A 222 -9.53 -6.46 24.99
N ALA A 223 -9.58 -5.24 24.46
CA ALA A 223 -9.97 -4.06 25.26
C ALA A 223 -11.44 -4.16 25.70
N LYS A 224 -12.27 -4.70 24.81
CA LYS A 224 -13.67 -4.99 25.12
C LYS A 224 -13.80 -6.17 26.07
N GLU A 225 -12.90 -7.15 25.94
CA GLU A 225 -12.86 -8.31 26.84
C GLU A 225 -12.18 -8.01 28.18
N GLY A 226 -11.80 -6.75 28.39
CA GLY A 226 -11.25 -6.31 29.67
C GLY A 226 -9.78 -6.61 29.90
N ILE A 227 -9.07 -6.94 28.82
CA ILE A 227 -7.62 -7.17 28.89
C ILE A 227 -6.87 -5.87 28.58
N SER A 228 -5.82 -5.61 29.35
CA SER A 228 -5.00 -4.41 29.20
C SER A 228 -3.72 -4.69 28.45
N ILE A 229 -3.36 -3.79 27.53
CA ILE A 229 -2.10 -3.88 26.82
C ILE A 229 -1.16 -2.82 27.38
N ALA A 230 -0.06 -3.26 27.98
CA ALA A 230 0.92 -2.33 28.56
C ALA A 230 1.41 -1.33 27.50
N HIS A 231 2.00 -1.86 26.43
CA HIS A 231 2.48 -1.07 25.31
C HIS A 231 2.42 -1.92 24.04
N SER A 232 2.04 -1.31 22.93
CA SER A 232 2.05 -1.96 21.63
C SER A 232 3.35 -1.56 20.93
N TYR A 233 4.07 -2.53 20.37
CA TYR A 233 5.28 -2.23 19.58
C TYR A 233 5.16 -2.76 18.15
N LYS A 234 6.15 -2.46 17.33
CA LYS A 234 6.21 -2.95 15.95
C LYS A 234 7.64 -2.94 15.39
N ILE A 235 7.89 -3.77 14.38
CA ILE A 235 9.22 -3.87 13.76
C ILE A 235 9.19 -4.53 12.38
N TYR A 236 10.13 -4.17 11.51
CA TYR A 236 10.36 -4.89 10.24
C TYR A 236 11.12 -6.19 10.51
N SER A 237 10.80 -7.21 9.72
CA SER A 237 11.47 -8.52 9.82
C SER A 237 12.95 -8.41 9.46
N ASN A 238 13.26 -7.53 8.52
CA ASN A 238 14.64 -7.39 8.03
C ASN A 238 15.42 -6.34 8.79
N ALA A 239 14.80 -5.79 9.83
CA ALA A 239 15.49 -4.84 10.71
C ALA A 239 16.76 -5.47 11.27
N GLY A 240 17.81 -4.67 11.40
CA GLY A 240 19.12 -5.14 11.83
C GLY A 240 19.13 -5.68 13.25
N GLU A 241 20.29 -6.22 13.64
CA GLU A 241 20.51 -6.73 14.99
C GLU A 241 20.27 -5.63 16.03
N GLN A 242 20.72 -4.42 15.70
CA GLN A 242 20.59 -3.25 16.57
C GLN A 242 19.12 -2.92 16.85
N SER A 243 18.28 -3.09 15.83
CA SER A 243 16.86 -2.74 15.92
C SER A 243 16.10 -3.66 16.89
N PHE A 244 16.28 -4.97 16.74
CA PHE A 244 15.67 -5.95 17.64
C PHE A 244 16.15 -5.80 19.10
N ASP A 245 17.41 -5.41 19.27
CA ASP A 245 17.97 -5.13 20.59
C ASP A 245 17.16 -4.04 21.31
N LYS A 246 16.91 -2.93 20.63
CA LYS A 246 16.16 -1.82 21.20
C LYS A 246 14.77 -2.30 21.62
N LEU A 247 14.08 -2.98 20.70
CA LEU A 247 12.76 -3.54 20.96
C LEU A 247 12.74 -4.40 22.22
N LEU A 248 13.67 -5.34 22.30
CA LEU A 248 13.71 -6.24 23.44
C LEU A 248 13.94 -5.47 24.73
N LYS A 249 14.86 -4.51 24.70
CA LYS A 249 15.13 -3.66 25.86
C LYS A 249 13.84 -3.00 26.35
N LYS A 250 13.05 -2.49 25.42
CA LYS A 250 11.78 -1.86 25.73
C LYS A 250 10.83 -2.88 26.36
N LEU A 251 10.83 -4.08 25.81
CA LEU A 251 10.03 -5.17 26.35
C LEU A 251 10.46 -5.58 27.75
N THR A 252 11.75 -5.55 28.01
CA THR A 252 12.28 -5.89 29.35
C THR A 252 11.80 -4.88 30.40
N SER A 253 11.68 -3.62 30.01
CA SER A 253 11.21 -2.56 30.92
C SER A 253 9.72 -2.73 31.24
N HIS A 254 8.99 -3.36 30.29
CA HIS A 254 7.57 -3.69 30.50
C HIS A 254 7.36 -4.84 31.49
N LEU A 255 8.45 -5.63 31.71
CA LEU A 255 8.49 -6.68 32.72
C LEU A 255 8.66 -6.09 34.12
N PRO A 256 8.30 -6.85 35.18
CA PRO A 256 7.77 -8.22 35.16
C PRO A 256 6.24 -8.31 35.09
N LYS A 257 5.57 -7.16 34.96
CA LYS A 257 4.11 -7.11 34.88
C LYS A 257 3.59 -7.72 33.58
N ALA A 258 4.38 -7.58 32.52
CA ALA A 258 4.02 -8.16 31.22
C ALA A 258 5.09 -9.12 30.73
N ARG A 259 4.98 -10.38 31.14
CA ARG A 259 5.84 -11.46 30.67
C ARG A 259 5.27 -12.09 29.39
N VAL A 260 3.94 -12.14 29.32
CA VAL A 260 3.23 -12.64 28.16
C VAL A 260 3.27 -11.60 27.03
N VAL A 261 3.60 -12.04 25.82
CA VAL A 261 3.76 -11.14 24.68
C VAL A 261 2.99 -11.64 23.45
N ALA A 262 1.87 -11.01 23.16
CA ALA A 262 1.10 -11.31 21.97
C ALA A 262 1.89 -10.86 20.72
N CYS A 263 2.19 -11.79 19.84
CA CYS A 263 2.98 -11.47 18.65
C CYS A 263 2.21 -11.78 17.38
N PHE A 264 1.53 -10.80 16.84
CA PHE A 264 1.01 -10.97 15.49
C PHE A 264 2.17 -10.71 14.55
N CYS A 265 2.91 -11.77 14.27
CA CYS A 265 4.27 -11.64 13.76
C CYS A 265 4.58 -12.67 12.69
N GLU A 266 5.43 -12.27 11.75
CA GLU A 266 6.07 -13.19 10.83
C GLU A 266 7.15 -13.95 11.59
N GLY A 267 7.48 -15.14 11.09
CA GLY A 267 8.46 -16.00 11.74
C GLY A 267 9.80 -15.33 11.95
N MET A 268 10.27 -14.62 10.94
CA MET A 268 11.54 -13.91 11.03
C MET A 268 11.58 -12.84 12.14
N THR A 269 10.44 -12.17 12.35
CA THR A 269 10.27 -11.25 13.48
C THR A 269 10.42 -11.99 14.81
N VAL A 270 9.73 -13.11 14.93
CA VAL A 270 9.85 -13.96 16.12
C VAL A 270 11.30 -14.41 16.29
N ARG A 271 11.89 -14.93 15.21
CA ARG A 271 13.29 -15.32 15.24
C ARG A 271 14.17 -14.17 15.71
N GLY A 272 13.97 -13.00 15.10
CA GLY A 272 14.68 -11.77 15.47
C GLY A 272 14.71 -11.51 16.96
N LEU A 273 13.55 -11.61 17.59
CA LEU A 273 13.44 -11.48 19.05
C LEU A 273 14.27 -12.51 19.80
N LEU A 274 14.16 -13.77 19.41
CA LEU A 274 14.86 -14.87 20.09
C LEU A 274 16.38 -14.67 20.01
N MET A 275 16.84 -14.19 18.86
CA MET A 275 18.25 -13.89 18.64
C MET A 275 18.74 -12.73 19.50
N ALA A 276 17.84 -11.77 19.71
CA ALA A 276 18.11 -10.67 20.63
C ALA A 276 18.13 -11.18 22.06
N MET A 277 17.26 -12.15 22.39
CA MET A 277 17.25 -12.76 23.74
C MET A 277 18.57 -13.47 24.06
N ARG A 278 19.19 -14.06 23.04
CA ARG A 278 20.48 -14.71 23.18
C ARG A 278 21.59 -13.69 23.44
N ARG A 279 21.58 -12.60 22.67
CA ARG A 279 22.59 -11.55 22.79
C ARG A 279 22.59 -10.89 24.18
N LEU A 280 21.43 -10.93 24.83
CA LEU A 280 21.25 -10.33 26.17
C LEU A 280 21.25 -11.35 27.31
N GLY A 281 20.69 -12.54 27.08
CA GLY A 281 20.56 -13.53 28.15
C GLY A 281 19.31 -13.33 28.99
N LEU A 282 18.30 -12.68 28.41
CA LEU A 282 17.00 -12.50 29.04
C LEU A 282 16.10 -13.72 28.86
N ALA A 283 16.69 -14.84 28.43
CA ALA A 283 15.95 -16.07 28.11
C ALA A 283 15.33 -16.72 29.34
N GLY A 284 14.08 -17.14 29.20
CA GLY A 284 13.33 -17.77 30.30
C GLY A 284 12.54 -16.79 31.15
N GLU A 285 12.39 -15.56 30.66
CA GLU A 285 11.64 -14.51 31.37
C GLU A 285 10.43 -14.00 30.57
N PHE A 286 10.33 -14.44 29.31
CA PHE A 286 9.21 -14.09 28.44
C PHE A 286 8.41 -15.31 28.00
N LEU A 287 7.11 -15.09 27.76
CA LEU A 287 6.27 -16.08 27.11
C LEU A 287 5.68 -15.47 25.84
N LEU A 288 5.96 -16.10 24.70
CA LEU A 288 5.52 -15.57 23.41
C LEU A 288 4.30 -16.29 22.86
N LEU A 289 3.20 -15.55 22.73
CA LEU A 289 2.00 -16.07 22.08
C LEU A 289 2.00 -15.63 20.62
N GLY A 290 2.38 -16.55 19.73
CA GLY A 290 2.60 -16.24 18.32
C GLY A 290 1.45 -16.60 17.39
N SER A 291 1.32 -15.82 16.31
CA SER A 291 0.36 -16.07 15.25
C SER A 291 0.94 -17.05 14.21
N ASP A 292 0.27 -17.20 13.07
CA ASP A 292 0.62 -18.24 12.09
C ASP A 292 1.92 -17.98 11.35
N GLY A 293 2.50 -16.80 11.51
CA GLY A 293 3.83 -16.53 10.99
C GLY A 293 4.81 -17.50 11.63
N TRP A 294 4.60 -17.76 12.90
CA TRP A 294 5.42 -18.70 13.67
C TRP A 294 4.89 -20.13 13.57
N ALA A 295 3.64 -20.36 13.98
CA ALA A 295 3.05 -21.70 13.89
C ALA A 295 4.01 -22.78 14.41
N ASP A 296 4.20 -23.86 13.63
CA ASP A 296 5.13 -24.96 14.01
C ASP A 296 6.42 -24.99 13.18
N ARG A 297 6.92 -23.81 12.81
CA ARG A 297 8.09 -23.68 11.93
C ARG A 297 9.41 -23.86 12.66
N TYR A 298 10.18 -24.87 12.24
CA TYR A 298 11.47 -25.15 12.85
C TYR A 298 12.52 -24.09 12.53
N ASP A 299 12.41 -23.47 11.36
CA ASP A 299 13.38 -22.46 10.92
C ASP A 299 13.35 -21.16 11.76
N VAL A 300 12.24 -20.97 12.50
CA VAL A 300 12.12 -19.90 13.49
C VAL A 300 12.96 -20.22 14.74
N THR A 301 12.81 -21.44 15.26
CA THR A 301 13.34 -21.81 16.58
C THR A 301 14.71 -22.51 16.57
N ASP A 302 15.10 -23.04 15.42
CA ASP A 302 16.39 -23.76 15.27
C ASP A 302 17.60 -22.93 15.71
N GLY A 303 18.26 -23.41 16.75
CA GLY A 303 19.43 -22.73 17.30
C GLY A 303 19.12 -21.91 18.54
N TYR A 304 17.84 -21.56 18.72
CA TYR A 304 17.44 -20.70 19.83
C TYR A 304 16.27 -21.28 20.61
N GLN A 305 16.29 -22.59 20.80
CA GLN A 305 15.17 -23.32 21.40
C GLN A 305 14.84 -22.90 22.83
N ARG A 306 15.86 -22.81 23.69
CA ARG A 306 15.65 -22.44 25.09
C ARG A 306 15.15 -21.00 25.25
N GLU A 307 15.47 -20.16 24.28
CA GLU A 307 14.93 -18.81 24.22
C GLU A 307 13.42 -18.85 23.92
N ALA A 308 13.02 -19.82 23.08
CA ALA A 308 11.62 -19.96 22.67
C ALA A 308 10.78 -20.81 23.61
N VAL A 309 11.39 -21.79 24.26
CA VAL A 309 10.68 -22.69 25.16
C VAL A 309 9.58 -21.98 25.97
N GLY A 310 8.41 -22.60 26.02
CA GLY A 310 7.25 -22.07 26.75
C GLY A 310 6.25 -21.46 25.79
N GLY A 311 6.72 -21.10 24.59
CA GLY A 311 5.93 -20.38 23.61
C GLY A 311 4.65 -21.09 23.17
N ILE A 312 3.67 -20.29 22.73
CA ILE A 312 2.37 -20.79 22.31
C ILE A 312 2.07 -20.20 20.93
N THR A 313 1.65 -21.06 19.99
CA THR A 313 1.44 -20.62 18.63
C THR A 313 0.13 -21.09 18.07
N ILE A 314 -0.35 -20.32 17.11
CA ILE A 314 -1.58 -20.64 16.42
C ILE A 314 -1.19 -21.10 15.02
N LYS A 315 -1.75 -22.24 14.61
CA LYS A 315 -1.46 -22.78 13.31
C LYS A 315 -2.79 -23.01 12.61
N LEU A 316 -2.83 -22.70 11.33
CA LEU A 316 -3.98 -23.06 10.50
C LEU A 316 -3.99 -24.57 10.27
N GLN A 317 -5.16 -25.19 10.47
CA GLN A 317 -5.29 -26.64 10.27
C GLN A 317 -5.08 -27.00 8.81
N SER A 318 -3.97 -27.68 8.54
CA SER A 318 -3.63 -28.17 7.22
C SER A 318 -2.90 -29.51 7.32
N PRO A 319 -3.57 -30.61 7.01
CA PRO A 319 -2.87 -31.89 7.09
C PRO A 319 -1.82 -32.03 5.98
N ASP A 320 -0.67 -32.65 6.31
CA ASP A 320 0.30 -33.06 5.30
C ASP A 320 -0.40 -33.71 4.10
N VAL A 321 0.16 -33.48 2.92
CA VAL A 321 -0.36 -34.08 1.69
C VAL A 321 0.51 -35.28 1.37
N LYS A 322 -0.07 -36.48 1.49
CA LYS A 322 0.66 -37.75 1.34
C LYS A 322 1.47 -37.85 0.05
N TRP A 323 0.81 -37.59 -1.09
CA TRP A 323 1.49 -37.77 -2.37
C TRP A 323 2.64 -36.78 -2.60
N PHE A 324 2.61 -35.64 -1.93
CA PHE A 324 3.65 -34.64 -2.14
C PHE A 324 5.02 -35.16 -1.79
N ASP A 325 5.14 -35.81 -0.63
CA ASP A 325 6.41 -36.34 -0.18
C ASP A 325 6.92 -37.44 -1.10
N ASP A 326 5.98 -38.23 -1.62
CA ASP A 326 6.28 -39.30 -2.57
C ASP A 326 7.00 -38.74 -3.78
N TYR A 327 6.43 -37.69 -4.35
CA TYR A 327 7.03 -37.07 -5.52
C TYR A 327 8.30 -36.33 -5.14
N TYR A 328 8.21 -35.51 -4.09
CA TYR A 328 9.27 -34.61 -3.72
C TYR A 328 10.57 -35.32 -3.40
N LEU A 329 10.48 -36.36 -2.58
CA LEU A 329 11.69 -37.01 -2.04
C LEU A 329 12.50 -37.78 -3.09
N LYS A 330 11.85 -38.10 -4.19
CA LYS A 330 12.50 -38.80 -5.30
C LYS A 330 13.33 -37.89 -6.22
N LEU A 331 13.18 -36.57 -6.07
CA LEU A 331 13.86 -35.61 -6.94
C LEU A 331 15.38 -35.62 -6.80
N ARG A 332 16.06 -35.41 -7.92
CA ARG A 332 17.51 -35.47 -7.98
C ARG A 332 18.05 -34.21 -8.66
N PRO A 333 19.16 -33.65 -8.13
CA PRO A 333 19.74 -32.45 -8.71
C PRO A 333 20.28 -32.62 -10.14
N GLU A 334 20.63 -33.85 -10.51
CA GLU A 334 21.18 -34.14 -11.84
C GLU A 334 20.10 -34.23 -12.92
N THR A 335 18.85 -34.38 -12.49
CA THR A 335 17.76 -34.73 -13.39
C THR A 335 16.53 -33.84 -13.25
N ASN A 336 16.61 -32.85 -12.35
CA ASN A 336 15.51 -31.91 -12.09
C ASN A 336 15.83 -30.50 -12.61
N HIS A 337 15.90 -30.36 -13.92
CA HIS A 337 16.23 -29.07 -14.51
C HIS A 337 15.06 -28.13 -14.64
N ARG A 338 13.85 -28.67 -14.72
CA ARG A 338 12.65 -27.84 -14.88
C ARG A 338 12.42 -26.86 -13.73
N ASN A 339 12.97 -27.19 -12.56
CA ASN A 339 13.09 -26.25 -11.45
C ASN A 339 14.50 -25.65 -11.46
N PRO A 340 14.62 -24.40 -11.96
CA PRO A 340 15.94 -23.82 -12.18
C PRO A 340 16.71 -23.53 -10.89
N TRP A 341 15.97 -23.37 -9.79
CA TRP A 341 16.55 -23.11 -8.48
C TRP A 341 17.09 -24.35 -7.75
N PHE A 342 16.73 -25.54 -8.24
CA PHE A 342 16.97 -26.77 -7.49
C PHE A 342 18.43 -27.08 -7.19
N GLN A 343 19.31 -26.86 -8.17
CA GLN A 343 20.73 -27.10 -7.98
C GLN A 343 21.30 -26.17 -6.90
N GLU A 344 20.93 -24.89 -6.96
CA GLU A 344 21.29 -23.92 -5.91
C GLU A 344 20.83 -24.45 -4.56
N PHE A 345 19.57 -24.89 -4.50
CA PHE A 345 18.98 -25.41 -3.27
C PHE A 345 19.70 -26.65 -2.76
N TRP A 346 19.95 -27.61 -3.65
CA TRP A 346 20.62 -28.83 -3.26
C TRP A 346 21.97 -28.51 -2.64
N GLN A 347 22.72 -27.63 -3.31
CA GLN A 347 24.05 -27.23 -2.88
C GLN A 347 24.04 -26.49 -1.55
N HIS A 348 23.02 -25.68 -1.30
CA HIS A 348 22.91 -24.94 -0.04
C HIS A 348 22.50 -25.85 1.09
N ARG A 349 21.47 -26.67 0.85
CA ARG A 349 20.93 -27.60 1.86
C ARG A 349 21.98 -28.57 2.41
N PHE A 350 22.93 -28.98 1.57
CA PHE A 350 23.89 -29.99 1.98
C PHE A 350 25.31 -29.46 2.08
N GLN A 351 25.47 -28.16 1.85
CA GLN A 351 26.79 -27.48 1.93
C GLN A 351 27.87 -28.19 1.12
N CYS A 352 27.53 -28.56 -0.12
CA CYS A 352 28.47 -29.22 -1.02
C CYS A 352 28.34 -28.62 -2.42
N ARG A 353 29.25 -29.02 -3.31
CA ARG A 353 29.24 -28.57 -4.70
C ARG A 353 28.96 -29.75 -5.62
N LEU A 354 28.08 -29.54 -6.59
CA LEU A 354 27.77 -30.56 -7.59
C LEU A 354 28.83 -30.61 -8.68
N GLU A 355 29.03 -31.81 -9.24
CA GLU A 355 30.12 -32.10 -10.18
C GLU A 355 30.08 -31.33 -11.51
N GLY A 356 28.87 -30.99 -11.96
CA GLY A 356 28.67 -30.21 -13.19
C GLY A 356 27.97 -28.88 -12.94
N ASN A 365 33.20 -26.14 -0.75
CA ASN A 365 34.53 -26.65 -1.10
C ASN A 365 34.56 -28.16 -1.39
N LYS A 366 33.68 -28.92 -0.71
CA LYS A 366 33.61 -30.38 -0.89
C LYS A 366 32.61 -30.76 -1.98
N THR A 367 32.80 -31.94 -2.57
CA THR A 367 31.92 -32.47 -3.61
C THR A 367 30.73 -33.25 -3.04
N CYS A 368 29.55 -33.10 -3.65
CA CYS A 368 28.32 -33.76 -3.18
C CYS A 368 28.35 -35.28 -3.36
N ASN A 369 28.17 -36.02 -2.26
CA ASN A 369 28.03 -37.48 -2.30
C ASN A 369 26.70 -37.88 -2.94
N SER A 370 26.72 -38.94 -3.74
CA SER A 370 25.52 -39.40 -4.46
C SER A 370 24.48 -40.03 -3.54
N SER A 371 24.91 -40.38 -2.32
CA SER A 371 24.05 -40.97 -1.30
C SER A 371 23.10 -39.97 -0.63
N LEU A 372 23.46 -38.68 -0.65
CA LEU A 372 22.61 -37.62 -0.10
C LEU A 372 21.18 -37.74 -0.62
N THR A 373 20.23 -37.48 0.28
CA THR A 373 18.80 -37.58 -0.02
C THR A 373 18.00 -36.64 0.88
N LEU A 374 16.87 -36.18 0.37
CA LEU A 374 15.98 -35.33 1.14
C LEU A 374 15.21 -36.10 2.24
N LYS A 375 15.04 -37.40 2.08
CA LYS A 375 14.43 -38.25 3.12
C LYS A 375 15.03 -38.01 4.51
N THR A 376 16.27 -37.53 4.56
CA THR A 376 16.94 -37.20 5.81
C THR A 376 16.46 -35.82 6.31
N HIS A 377 16.14 -35.74 7.60
CA HIS A 377 15.61 -34.51 8.25
C HIS A 377 14.47 -33.85 7.46
N HIS A 378 13.70 -34.61 6.69
CA HIS A 378 12.63 -34.02 5.89
C HIS A 378 11.48 -33.46 6.73
N VAL A 379 11.08 -32.25 6.38
CA VAL A 379 9.94 -31.59 6.97
C VAL A 379 9.14 -30.96 5.84
N GLN A 380 7.87 -31.32 5.74
CA GLN A 380 6.98 -30.71 4.76
C GLN A 380 6.41 -29.38 5.29
N ASP A 381 6.50 -28.33 4.46
CA ASP A 381 5.80 -27.04 4.62
C ASP A 381 4.41 -27.20 5.26
N SER A 382 4.14 -26.38 6.27
CA SER A 382 2.91 -26.48 7.05
C SER A 382 1.68 -26.07 6.27
N LYS A 383 1.85 -25.15 5.32
CA LYS A 383 0.73 -24.63 4.54
C LYS A 383 0.59 -25.32 3.18
N MET A 384 1.25 -26.47 3.03
CA MET A 384 1.31 -27.21 1.76
C MET A 384 -0.06 -27.50 1.16
N GLY A 385 -1.00 -27.95 1.99
CA GLY A 385 -2.36 -28.26 1.55
C GLY A 385 -3.09 -27.05 0.98
N PHE A 386 -2.77 -25.88 1.50
CA PHE A 386 -3.40 -24.64 1.04
C PHE A 386 -2.88 -24.26 -0.35
N VAL A 387 -1.58 -24.38 -0.56
CA VAL A 387 -1.03 -24.17 -1.91
C VAL A 387 -1.79 -25.03 -2.92
N ILE A 388 -1.94 -26.29 -2.58
CA ILE A 388 -2.47 -27.29 -3.48
C ILE A 388 -3.95 -27.04 -3.75
N ASN A 389 -4.69 -26.66 -2.71
CA ASN A 389 -6.11 -26.30 -2.89
C ASN A 389 -6.30 -25.05 -3.72
N ALA A 390 -5.39 -24.11 -3.58
CA ALA A 390 -5.43 -22.87 -4.36
C ALA A 390 -5.27 -23.16 -5.86
N ILE A 391 -4.36 -24.07 -6.19
CA ILE A 391 -4.13 -24.44 -7.58
C ILE A 391 -5.34 -25.17 -8.13
N TYR A 392 -5.94 -26.01 -7.28
CA TYR A 392 -7.09 -26.78 -7.69
C TYR A 392 -8.29 -25.87 -7.88
N SER A 393 -8.36 -24.81 -7.08
CA SER A 393 -9.42 -23.83 -7.25
C SER A 393 -9.32 -23.17 -8.62
N MET A 394 -8.11 -22.74 -8.97
CA MET A 394 -7.85 -22.13 -10.27
C MET A 394 -8.30 -23.11 -11.36
N ALA A 395 -7.76 -24.32 -11.28
CA ALA A 395 -8.12 -25.42 -12.16
C ALA A 395 -9.64 -25.60 -12.29
N TYR A 396 -10.34 -25.66 -11.16
CA TYR A 396 -11.80 -25.87 -11.16
C TYR A 396 -12.57 -24.68 -11.74
N GLY A 397 -12.06 -23.48 -11.48
CA GLY A 397 -12.62 -22.28 -12.09
C GLY A 397 -12.52 -22.34 -13.60
N LEU A 398 -11.35 -22.73 -14.09
CA LEU A 398 -11.14 -22.87 -15.54
C LEU A 398 -12.04 -23.95 -16.15
N HIS A 399 -12.20 -25.06 -15.44
CA HIS A 399 -13.00 -26.20 -15.89
C HIS A 399 -14.49 -25.86 -15.98
N ASN A 400 -15.02 -25.19 -14.95
CA ASN A 400 -16.43 -24.80 -14.93
C ASN A 400 -16.76 -23.84 -16.05
N MET A 401 -15.87 -22.88 -16.27
CA MET A 401 -15.92 -21.96 -17.41
C MET A 401 -15.96 -22.72 -18.74
N GLN A 402 -15.11 -23.74 -18.87
CA GLN A 402 -14.97 -24.57 -20.07
C GLN A 402 -16.24 -25.38 -20.36
N MET A 403 -16.94 -25.79 -19.32
CA MET A 403 -18.17 -26.58 -19.51
C MET A 403 -19.32 -25.74 -20.04
N SER A 404 -19.43 -24.50 -19.60
CA SER A 404 -20.50 -23.62 -20.10
C SER A 404 -20.19 -23.00 -21.48
N LEU A 405 -18.93 -22.69 -21.72
CA LEU A 405 -18.48 -22.05 -22.96
C LEU A 405 -18.08 -23.03 -24.08
N CYS A 406 -17.77 -24.27 -23.71
CA CYS A 406 -17.33 -25.32 -24.65
C CYS A 406 -18.07 -26.67 -24.37
N PRO A 407 -19.41 -26.71 -24.58
CA PRO A 407 -20.27 -27.76 -24.00
C PRO A 407 -20.07 -29.21 -24.50
N GLY A 408 -19.95 -29.39 -25.80
CA GLY A 408 -19.77 -30.74 -26.37
C GLY A 408 -18.35 -31.01 -26.84
N TYR A 409 -17.39 -30.28 -26.28
CA TYR A 409 -16.01 -30.37 -26.71
C TYR A 409 -15.05 -30.59 -25.54
N ALA A 410 -14.01 -31.38 -25.81
CA ALA A 410 -12.88 -31.49 -24.91
C ALA A 410 -11.79 -30.57 -25.43
N GLY A 411 -11.35 -29.64 -24.58
CA GLY A 411 -10.28 -28.71 -24.93
C GLY A 411 -10.68 -27.25 -25.04
N LEU A 412 -9.68 -26.40 -25.25
CA LEU A 412 -9.89 -24.96 -25.42
C LEU A 412 -10.56 -24.65 -26.75
N CYS A 413 -11.83 -24.27 -26.69
CA CYS A 413 -12.60 -23.91 -27.89
C CYS A 413 -12.52 -22.39 -28.14
N ASP A 414 -12.93 -21.97 -29.34
CA ASP A 414 -12.82 -20.57 -29.80
C ASP A 414 -13.40 -19.51 -28.85
N ALA A 415 -14.49 -19.86 -28.19
CA ALA A 415 -15.17 -18.96 -27.26
C ALA A 415 -14.38 -18.70 -25.96
N MET A 416 -13.36 -19.52 -25.70
CA MET A 416 -12.39 -19.27 -24.63
C MET A 416 -11.02 -18.86 -25.18
N LYS A 417 -11.00 -18.39 -26.44
CA LYS A 417 -9.81 -17.78 -27.01
C LYS A 417 -10.04 -16.31 -27.34
N PRO A 418 -9.52 -15.40 -26.49
CA PRO A 418 -8.75 -15.73 -25.29
C PRO A 418 -9.65 -15.93 -24.07
N ILE A 419 -9.04 -16.20 -22.93
CA ILE A 419 -9.80 -16.39 -21.70
C ILE A 419 -10.19 -15.02 -21.10
N ASP A 420 -11.50 -14.80 -21.06
CA ASP A 420 -12.13 -13.65 -20.41
C ASP A 420 -11.89 -13.73 -18.91
N GLY A 421 -10.98 -12.89 -18.42
CA GLY A 421 -10.61 -12.84 -17.02
C GLY A 421 -11.75 -12.47 -16.08
N ARG A 422 -12.72 -11.70 -16.59
CA ARG A 422 -13.87 -11.30 -15.80
C ARG A 422 -14.77 -12.51 -15.60
N LYS A 423 -14.78 -13.39 -16.60
CA LYS A 423 -15.59 -14.60 -16.55
C LYS A 423 -14.92 -15.65 -15.67
N LEU A 424 -13.59 -15.66 -15.68
CA LEU A 424 -12.85 -16.54 -14.76
C LEU A 424 -13.15 -16.18 -13.31
N LEU A 425 -13.17 -14.88 -13.02
CA LEU A 425 -13.58 -14.36 -11.69
C LEU A 425 -14.97 -14.85 -11.30
N GLU A 426 -15.92 -14.74 -12.22
CA GLU A 426 -17.30 -15.17 -11.97
C GLU A 426 -17.32 -16.63 -11.49
N SER A 427 -16.59 -17.48 -12.23
CA SER A 427 -16.55 -18.93 -12.06
C SER A 427 -15.85 -19.34 -10.76
N LEU A 428 -14.73 -18.68 -10.46
CA LEU A 428 -13.99 -18.87 -9.23
C LEU A 428 -14.73 -18.35 -7.99
N MET A 429 -15.65 -17.40 -8.16
CA MET A 429 -16.40 -16.92 -7.01
C MET A 429 -17.51 -17.90 -6.64
N LYS A 430 -17.68 -18.92 -7.48
CA LYS A 430 -18.60 -20.03 -7.20
C LYS A 430 -17.82 -21.32 -6.90
N THR A 431 -16.59 -21.16 -6.41
CA THR A 431 -15.71 -22.29 -6.07
C THR A 431 -16.34 -23.18 -5.01
N ASN A 432 -16.48 -24.46 -5.36
CA ASN A 432 -17.05 -25.45 -4.46
C ASN A 432 -16.64 -26.86 -4.90
N PHE A 433 -15.57 -27.37 -4.28
CA PHE A 433 -15.05 -28.70 -4.59
C PHE A 433 -14.46 -29.35 -3.34
N THR A 434 -14.02 -30.60 -3.47
CA THR A 434 -13.49 -31.36 -2.36
C THR A 434 -11.98 -31.31 -2.35
N GLY A 435 -11.43 -30.82 -1.25
CA GLY A 435 -10.00 -30.53 -1.14
C GLY A 435 -9.10 -31.74 -1.07
N VAL A 436 -7.79 -31.50 -1.20
CA VAL A 436 -6.79 -32.55 -1.20
C VAL A 436 -6.79 -33.39 0.10
N SER A 437 -7.10 -32.74 1.22
CA SER A 437 -7.22 -33.42 2.52
C SER A 437 -8.63 -34.00 2.71
N GLY A 438 -9.59 -33.51 1.93
CA GLY A 438 -10.95 -34.05 1.93
C GLY A 438 -12.05 -33.08 2.33
N ASP A 439 -11.65 -31.89 2.78
CA ASP A 439 -12.60 -30.87 3.20
C ASP A 439 -13.22 -30.19 1.96
N THR A 440 -14.28 -29.44 2.15
CA THR A 440 -14.90 -28.70 1.06
C THR A 440 -14.32 -27.28 0.97
N ILE A 441 -13.80 -26.93 -0.20
CA ILE A 441 -13.31 -25.59 -0.45
C ILE A 441 -14.45 -24.77 -1.02
N LEU A 442 -14.72 -23.63 -0.37
CA LEU A 442 -15.89 -22.81 -0.69
C LEU A 442 -15.60 -21.34 -0.39
N PHE A 443 -15.78 -20.48 -1.39
CA PHE A 443 -15.61 -19.04 -1.19
C PHE A 443 -16.91 -18.37 -0.80
N ASP A 444 -16.84 -17.49 0.19
CA ASP A 444 -17.99 -16.66 0.59
C ASP A 444 -18.11 -15.45 -0.33
N GLU A 445 -19.05 -14.55 -0.02
CA GLU A 445 -19.25 -13.33 -0.81
C GLU A 445 -17.96 -12.51 -0.94
N ASN A 446 -17.12 -12.55 0.10
CA ASN A 446 -15.89 -11.75 0.18
C ASN A 446 -14.67 -12.48 -0.37
N GLY A 447 -14.89 -13.61 -1.03
CA GLY A 447 -13.80 -14.43 -1.56
C GLY A 447 -12.91 -15.07 -0.50
N ASP A 448 -13.45 -15.28 0.69
CA ASP A 448 -12.74 -15.95 1.76
C ASP A 448 -13.21 -17.39 1.94
N SER A 449 -12.36 -18.19 2.57
CA SER A 449 -12.63 -19.59 2.85
C SER A 449 -12.70 -19.84 4.34
N PRO A 450 -13.53 -20.81 4.77
CA PRO A 450 -13.55 -21.19 6.18
C PRO A 450 -12.30 -22.00 6.52
N GLY A 451 -11.98 -22.05 7.80
CA GLY A 451 -10.83 -22.79 8.28
C GLY A 451 -10.86 -22.92 9.78
N ARG A 452 -9.76 -23.40 10.35
CA ARG A 452 -9.65 -23.60 11.78
C ARG A 452 -8.19 -23.66 12.17
N TYR A 453 -7.96 -23.56 13.48
CA TYR A 453 -6.62 -23.44 14.00
C TYR A 453 -6.32 -24.53 14.99
N GLU A 454 -5.07 -24.96 15.02
CA GLU A 454 -4.55 -25.80 16.05
C GLU A 454 -3.68 -24.90 16.93
N ILE A 455 -3.66 -25.16 18.22
CA ILE A 455 -2.83 -24.39 19.13
C ILE A 455 -1.62 -25.21 19.54
N MET A 456 -0.44 -24.71 19.23
CA MET A 456 0.79 -25.42 19.51
C MET A 456 1.42 -24.90 20.78
N ASN A 457 2.20 -25.76 21.42
CA ASN A 457 3.06 -25.37 22.52
C ASN A 457 4.48 -25.79 22.17
N PHE A 458 5.43 -24.87 22.28
CA PHE A 458 6.83 -25.21 22.05
C PHE A 458 7.47 -25.53 23.39
N LYS A 459 7.89 -26.78 23.56
CA LYS A 459 8.39 -27.23 24.87
C LYS A 459 9.47 -28.30 24.79
N GLU A 460 10.24 -28.43 25.89
CA GLU A 460 11.22 -29.49 26.07
C GLU A 460 10.52 -30.82 26.31
N MET A 461 10.91 -31.82 25.54
CA MET A 461 10.42 -33.18 25.73
C MET A 461 11.51 -34.04 26.37
N GLY A 462 12.36 -33.40 27.16
CA GLY A 462 13.50 -34.04 27.82
C GLY A 462 14.78 -33.25 27.61
N LYS A 463 15.83 -33.61 28.35
CA LYS A 463 17.12 -32.91 28.30
C LYS A 463 17.52 -32.52 26.87
N ASP A 464 17.51 -31.21 26.60
CA ASP A 464 17.95 -30.64 25.31
C ASP A 464 17.14 -31.06 24.07
N TYR A 465 15.99 -31.68 24.29
CA TYR A 465 15.08 -31.97 23.17
C TYR A 465 13.80 -31.15 23.21
N PHE A 466 13.52 -30.44 22.12
CA PHE A 466 12.37 -29.52 22.03
C PHE A 466 11.51 -29.79 20.79
N ASP A 467 10.20 -29.64 20.94
CA ASP A 467 9.26 -29.82 19.82
C ASP A 467 7.91 -29.10 20.03
N TYR A 468 7.17 -28.95 18.93
CA TYR A 468 5.84 -28.37 18.97
C TYR A 468 4.78 -29.43 19.32
N ILE A 469 4.02 -29.16 20.38
CA ILE A 469 3.01 -30.06 20.89
C ILE A 469 1.62 -29.50 20.64
N ASN A 470 0.80 -30.26 19.94
CA ASN A 470 -0.57 -29.87 19.65
C ASN A 470 -1.36 -29.87 20.95
N VAL A 471 -1.63 -28.69 21.49
CA VAL A 471 -2.23 -28.55 22.84
C VAL A 471 -3.73 -28.20 22.84
N GLY A 472 -4.24 -27.75 21.69
CA GLY A 472 -5.65 -27.43 21.54
C GLY A 472 -6.07 -27.13 20.12
N SER A 473 -7.26 -26.56 19.99
CA SER A 473 -7.85 -26.23 18.69
C SER A 473 -8.87 -25.11 18.86
N TRP A 474 -9.10 -24.38 17.78
CA TRP A 474 -10.11 -23.34 17.74
C TRP A 474 -10.86 -23.50 16.43
N ASP A 475 -12.19 -23.49 16.51
CA ASP A 475 -13.05 -23.69 15.37
C ASP A 475 -14.35 -22.90 15.57
N ASN A 476 -14.65 -22.05 14.59
CA ASN A 476 -15.83 -21.19 14.56
C ASN A 476 -16.38 -20.76 15.94
N GLY A 477 -15.54 -20.04 16.67
CA GLY A 477 -15.95 -19.45 17.93
C GLY A 477 -15.50 -20.23 19.14
N GLU A 478 -15.37 -21.55 18.98
CA GLU A 478 -15.08 -22.45 20.11
C GLU A 478 -13.61 -22.79 20.28
N LEU A 479 -13.06 -22.41 21.42
CA LEU A 479 -11.69 -22.73 21.81
C LEU A 479 -11.70 -23.98 22.71
N LYS A 480 -10.77 -24.89 22.48
CA LYS A 480 -10.64 -26.10 23.27
C LYS A 480 -9.17 -26.39 23.62
N MET A 481 -8.90 -26.56 24.90
CA MET A 481 -7.60 -27.01 25.39
C MET A 481 -7.85 -28.26 26.25
N ASP A 482 -6.78 -28.92 26.71
CA ASP A 482 -6.91 -29.99 27.73
C ASP A 482 -5.74 -30.02 28.71
N ARG B 13 -8.67 6.46 -21.95
CA ARG B 13 -8.69 7.69 -21.09
C ARG B 13 -7.99 8.87 -21.76
N VAL B 14 -8.48 10.07 -21.45
CA VAL B 14 -7.98 11.29 -22.10
C VAL B 14 -6.63 11.78 -21.52
N VAL B 15 -5.76 12.26 -22.41
CA VAL B 15 -4.41 12.72 -22.03
C VAL B 15 -4.06 14.07 -22.69
N ALA B 16 -3.28 14.88 -21.99
CA ALA B 16 -2.74 16.15 -22.52
C ALA B 16 -1.27 16.00 -22.93
N HIS B 17 -1.01 16.23 -24.22
CA HIS B 17 0.33 16.04 -24.80
C HIS B 17 1.00 17.39 -25.10
N MET B 18 2.29 17.48 -24.78
CA MET B 18 3.12 18.60 -25.22
C MET B 18 4.39 18.00 -25.82
N PRO B 19 4.69 18.30 -27.10
CA PRO B 19 5.89 17.75 -27.74
C PRO B 19 7.19 18.25 -27.09
N GLY B 20 8.29 17.55 -27.33
CA GLY B 20 9.59 17.93 -26.74
C GLY B 20 10.72 16.92 -26.95
N ASP B 21 11.92 17.31 -26.50
CA ASP B 21 13.10 16.46 -26.55
C ASP B 21 13.08 15.54 -25.34
N ILE B 22 12.47 16.04 -24.27
CA ILE B 22 12.29 15.33 -23.02
C ILE B 22 10.84 15.49 -22.59
N ILE B 23 10.22 14.37 -22.22
CA ILE B 23 8.84 14.33 -21.80
C ILE B 23 8.78 14.05 -20.30
N ILE B 24 8.14 14.97 -19.58
CA ILE B 24 7.89 14.83 -18.16
C ILE B 24 6.43 14.41 -17.97
N GLY B 25 6.21 13.46 -17.06
CA GLY B 25 4.87 13.00 -16.78
C GLY B 25 4.23 13.76 -15.64
N ALA B 26 2.90 13.69 -15.58
CA ALA B 26 2.19 14.28 -14.44
C ALA B 26 0.84 13.63 -14.21
N LEU B 27 0.49 13.53 -12.94
CA LEU B 27 -0.79 13.02 -12.50
C LEU B 27 -1.49 14.11 -11.72
N PHE B 28 -2.60 14.62 -12.25
CA PHE B 28 -3.45 15.53 -11.50
C PHE B 28 -4.85 15.00 -11.40
N SER B 29 -5.59 15.44 -10.38
CA SER B 29 -6.91 14.93 -10.16
C SER B 29 -8.00 15.72 -10.95
N VAL B 30 -8.00 15.53 -12.26
CA VAL B 30 -8.89 16.26 -13.14
C VAL B 30 -10.37 16.01 -12.81
N HIS B 31 -10.66 14.84 -12.27
CA HIS B 31 -12.00 14.53 -11.77
C HIS B 31 -11.94 13.97 -10.36
N HIS B 32 -13.05 14.04 -9.64
CA HIS B 32 -13.21 13.38 -8.34
C HIS B 32 -13.13 11.87 -8.45
N GLN B 33 -12.76 11.24 -7.35
CA GLN B 33 -12.67 9.78 -7.30
C GLN B 33 -14.00 9.10 -7.61
N PRO B 34 -13.96 7.85 -8.14
CA PRO B 34 -15.22 7.16 -8.44
C PRO B 34 -16.07 6.99 -7.18
N THR B 35 -17.37 6.90 -7.38
CA THR B 35 -18.31 6.53 -6.32
C THR B 35 -18.37 5.01 -6.17
N VAL B 36 -18.76 4.56 -4.98
CA VAL B 36 -19.01 3.13 -4.69
C VAL B 36 -19.60 2.30 -5.85
N ASP B 37 -20.47 2.91 -6.64
CA ASP B 37 -21.16 2.19 -7.71
C ASP B 37 -20.32 2.00 -8.98
N LYS B 38 -19.42 2.96 -9.24
CA LYS B 38 -18.61 2.92 -10.46
C LYS B 38 -17.10 2.73 -10.19
N VAL B 39 -16.76 2.29 -8.98
CA VAL B 39 -15.37 2.02 -8.59
C VAL B 39 -14.62 1.00 -9.48
N HIS B 40 -15.15 -0.22 -9.56
CA HIS B 40 -14.50 -1.30 -10.31
C HIS B 40 -14.32 -0.97 -11.79
N GLU B 41 -15.19 -0.11 -12.31
CA GLU B 41 -15.04 0.34 -13.68
C GLU B 41 -13.99 1.44 -13.74
N ARG B 42 -13.73 2.07 -12.58
CA ARG B 42 -12.83 3.22 -12.47
C ARG B 42 -13.32 4.34 -13.41
N LYS B 43 -14.63 4.56 -13.37
CA LYS B 43 -15.27 5.71 -13.98
C LYS B 43 -15.31 6.84 -12.94
N CYS B 44 -14.63 7.94 -13.24
CA CYS B 44 -14.44 9.01 -12.27
C CYS B 44 -15.63 9.94 -12.22
N GLY B 45 -15.64 10.86 -11.26
CA GLY B 45 -16.76 11.78 -11.07
C GLY B 45 -16.63 13.09 -11.83
N ALA B 46 -17.12 14.16 -11.23
CA ALA B 46 -17.12 15.48 -11.85
C ALA B 46 -15.73 16.11 -11.96
N VAL B 47 -15.58 16.94 -12.99
CA VAL B 47 -14.37 17.69 -13.28
C VAL B 47 -14.05 18.72 -12.17
N ARG B 48 -12.77 18.81 -11.81
CA ARG B 48 -12.33 19.67 -10.71
C ARG B 48 -11.51 20.84 -11.24
N GLU B 49 -11.62 21.99 -10.58
CA GLU B 49 -10.95 23.21 -11.06
C GLU B 49 -9.59 23.43 -10.41
N GLN B 50 -9.57 23.84 -9.14
CA GLN B 50 -8.32 24.14 -8.44
C GLN B 50 -7.36 22.94 -8.43
N TYR B 51 -7.90 21.75 -8.23
CA TYR B 51 -7.11 20.52 -8.13
C TYR B 51 -6.85 19.87 -9.47
N GLY B 52 -7.61 20.27 -10.51
CA GLY B 52 -7.47 19.66 -11.82
C GLY B 52 -7.08 20.64 -12.90
N ILE B 53 -8.08 21.23 -13.56
CA ILE B 53 -7.86 22.16 -14.67
C ILE B 53 -6.76 23.18 -14.41
N GLN B 54 -6.75 23.74 -13.21
CA GLN B 54 -5.75 24.76 -12.88
C GLN B 54 -4.34 24.20 -12.85
N ARG B 55 -4.20 23.00 -12.28
CA ARG B 55 -2.90 22.30 -12.21
C ARG B 55 -2.44 21.81 -13.60
N VAL B 56 -3.33 21.18 -14.35
CA VAL B 56 -3.06 20.89 -15.75
C VAL B 56 -2.52 22.14 -16.46
N GLU B 57 -3.27 23.24 -16.40
CA GLU B 57 -2.92 24.47 -17.09
C GLU B 57 -1.61 25.05 -16.60
N ALA B 58 -1.38 24.95 -15.29
CA ALA B 58 -0.11 25.33 -14.69
C ALA B 58 1.02 24.56 -15.35
N MET B 59 0.86 23.24 -15.45
CA MET B 59 1.86 22.35 -16.04
C MET B 59 2.25 22.77 -17.45
N LEU B 60 1.27 22.89 -18.34
CA LEU B 60 1.52 23.30 -19.72
C LEU B 60 2.22 24.65 -19.84
N HIS B 61 1.78 25.63 -19.04
CA HIS B 61 2.32 26.99 -19.16
C HIS B 61 3.70 27.13 -18.53
N THR B 62 3.93 26.44 -17.41
CA THR B 62 5.26 26.43 -16.82
C THR B 62 6.27 25.90 -17.85
N LEU B 63 5.91 24.81 -18.51
CA LEU B 63 6.75 24.25 -19.54
C LEU B 63 7.04 25.23 -20.68
N GLU B 64 6.06 26.04 -21.06
CA GLU B 64 6.27 27.11 -22.05
C GLU B 64 7.26 28.16 -21.55
N ARG B 65 7.10 28.58 -20.30
CA ARG B 65 7.97 29.62 -19.74
C ARG B 65 9.41 29.13 -19.66
N ILE B 66 9.57 27.88 -19.25
CA ILE B 66 10.88 27.25 -19.18
C ILE B 66 11.48 27.13 -20.58
N ASN B 67 10.67 26.70 -21.54
CA ASN B 67 11.12 26.59 -22.93
C ASN B 67 11.46 27.93 -23.57
N SER B 68 10.93 29.01 -23.00
CA SER B 68 11.19 30.38 -23.46
C SER B 68 12.36 31.02 -22.72
N ASP B 69 12.80 30.38 -21.65
CA ASP B 69 13.88 30.90 -20.82
C ASP B 69 15.20 30.26 -21.24
N PRO B 70 16.11 31.08 -21.82
CA PRO B 70 17.40 30.58 -22.31
C PRO B 70 18.41 30.27 -21.21
N THR B 71 18.18 30.77 -19.99
CA THR B 71 19.05 30.47 -18.86
C THR B 71 18.89 28.99 -18.48
N LEU B 72 17.67 28.49 -18.67
CA LEU B 72 17.30 27.15 -18.23
C LEU B 72 17.08 26.19 -19.39
N LEU B 73 17.78 25.06 -19.35
CA LEU B 73 17.78 24.06 -20.43
C LEU B 73 17.83 24.66 -21.85
N PRO B 74 18.98 25.25 -22.23
CA PRO B 74 19.10 25.85 -23.56
C PRO B 74 19.08 24.79 -24.66
N ASN B 75 18.42 25.12 -25.77
CA ASN B 75 18.30 24.24 -26.95
C ASN B 75 17.65 22.87 -26.72
N ILE B 76 17.06 22.70 -25.54
CA ILE B 76 16.23 21.54 -25.23
C ILE B 76 14.81 22.04 -24.97
N THR B 77 13.82 21.35 -25.51
CA THR B 77 12.43 21.69 -25.22
C THR B 77 11.80 20.61 -24.37
N LEU B 78 11.23 21.02 -23.24
CA LEU B 78 10.48 20.09 -22.39
C LEU B 78 9.08 19.94 -22.91
N GLY B 79 8.67 18.69 -23.05
CA GLY B 79 7.28 18.35 -23.34
C GLY B 79 6.71 17.56 -22.17
N CYS B 80 5.42 17.25 -22.23
CA CYS B 80 4.80 16.55 -21.13
C CYS B 80 3.72 15.56 -21.58
N GLU B 81 3.31 14.70 -20.65
CA GLU B 81 2.16 13.84 -20.75
C GLU B 81 1.37 13.96 -19.43
N ILE B 82 0.26 14.69 -19.43
CA ILE B 82 -0.52 14.90 -18.21
C ILE B 82 -1.67 13.92 -18.13
N ARG B 83 -1.79 13.24 -16.98
CA ARG B 83 -2.82 12.20 -16.81
C ARG B 83 -3.74 12.41 -15.63
N ASP B 84 -4.93 11.83 -15.70
CA ASP B 84 -5.98 12.01 -14.68
C ASP B 84 -5.80 10.98 -13.56
N SER B 85 -5.57 11.46 -12.34
CA SER B 85 -5.41 10.55 -11.21
C SER B 85 -6.74 10.16 -10.56
N CYS B 86 -7.75 11.01 -10.78
CA CYS B 86 -9.01 10.99 -10.02
C CYS B 86 -8.81 10.84 -8.53
N TRP B 87 -7.65 11.27 -8.01
CA TRP B 87 -7.36 11.15 -6.59
C TRP B 87 -7.66 9.72 -6.13
N HIS B 88 -7.26 8.73 -6.92
CA HIS B 88 -7.65 7.36 -6.68
C HIS B 88 -6.51 6.41 -7.04
N SER B 89 -6.29 5.42 -6.19
CA SER B 89 -5.10 4.57 -6.33
C SER B 89 -5.08 3.66 -7.52
N ALA B 90 -6.23 3.05 -7.81
CA ALA B 90 -6.36 2.19 -8.95
C ALA B 90 -6.17 3.03 -10.21
N VAL B 91 -6.89 4.15 -10.28
CA VAL B 91 -6.82 5.00 -11.47
C VAL B 91 -5.40 5.51 -11.70
N ALA B 92 -4.72 5.95 -10.64
CA ALA B 92 -3.35 6.47 -10.77
C ALA B 92 -2.35 5.40 -11.22
N LEU B 93 -2.49 4.20 -10.67
CA LEU B 93 -1.63 3.09 -11.05
C LEU B 93 -1.88 2.72 -12.51
N GLU B 94 -3.14 2.56 -12.86
CA GLU B 94 -3.52 2.30 -14.26
C GLU B 94 -2.83 3.32 -15.15
N GLN B 95 -2.96 4.60 -14.80
CA GLN B 95 -2.37 5.67 -15.59
C GLN B 95 -0.83 5.65 -15.57
N SER B 96 -0.25 5.31 -14.41
CA SER B 96 1.21 5.17 -14.29
C SER B 96 1.77 4.04 -15.16
N ILE B 97 1.00 2.96 -15.32
CA ILE B 97 1.40 1.90 -16.24
C ILE B 97 1.61 2.48 -17.63
N GLU B 98 0.73 3.42 -18.01
CA GLU B 98 0.81 4.02 -19.36
C GLU B 98 2.08 4.82 -19.53
N PHE B 99 2.64 5.26 -18.42
CA PHE B 99 3.91 5.99 -18.40
C PHE B 99 5.09 5.05 -18.72
N ILE B 100 4.99 3.79 -18.30
CA ILE B 100 6.15 2.88 -18.32
C ILE B 100 6.16 1.80 -19.42
N ARG B 101 5.61 2.09 -20.59
CA ARG B 101 5.55 1.04 -21.64
C ARG B 101 6.20 1.34 -23.02
N ASP B 102 7.51 1.52 -23.10
CA ASP B 102 8.43 1.56 -21.96
C ASP B 102 9.34 2.79 -22.04
N LYS B 128 8.24 7.84 -26.84
CA LYS B 128 9.47 8.27 -26.16
C LYS B 128 9.29 8.29 -24.64
N PRO B 129 10.32 7.84 -23.88
CA PRO B 129 10.21 7.54 -22.44
C PRO B 129 9.75 8.69 -21.55
N ILE B 130 9.18 8.32 -20.40
CA ILE B 130 8.82 9.29 -19.36
C ILE B 130 10.02 9.39 -18.45
N VAL B 131 10.49 10.61 -18.24
CA VAL B 131 11.77 10.84 -17.57
C VAL B 131 11.58 11.00 -16.06
N GLY B 132 10.47 11.62 -15.70
CA GLY B 132 10.11 11.87 -14.31
C GLY B 132 8.65 12.29 -14.28
N VAL B 133 8.07 12.24 -13.10
CA VAL B 133 6.64 12.43 -12.93
C VAL B 133 6.39 13.44 -11.82
N ILE B 134 5.53 14.41 -12.11
CA ILE B 134 5.03 15.34 -11.10
C ILE B 134 3.73 14.80 -10.52
N GLY B 135 3.70 14.67 -9.18
CA GLY B 135 2.48 14.27 -8.44
C GLY B 135 2.51 12.81 -8.02
N PRO B 136 1.34 12.23 -7.66
CA PRO B 136 0.00 12.80 -7.57
C PRO B 136 -0.22 13.50 -6.23
N GLY B 137 -1.46 13.92 -5.99
CA GLY B 137 -1.77 14.81 -4.89
C GLY B 137 -1.70 14.18 -3.52
N SER B 138 -2.22 12.96 -3.43
CA SER B 138 -2.49 12.31 -2.15
C SER B 138 -1.39 11.39 -1.69
N SER B 139 -1.14 11.35 -0.39
CA SER B 139 -0.08 10.49 0.13
C SER B 139 -0.19 9.01 -0.26
N SER B 140 -1.33 8.37 -0.01
CA SER B 140 -1.41 6.94 -0.32
C SER B 140 -1.42 6.67 -1.83
N VAL B 141 -1.92 7.62 -2.61
CA VAL B 141 -1.90 7.50 -4.07
C VAL B 141 -0.45 7.64 -4.56
N ALA B 142 0.26 8.66 -4.09
CA ALA B 142 1.68 8.85 -4.39
C ALA B 142 2.50 7.60 -4.13
N ILE B 143 2.31 7.02 -2.94
CA ILE B 143 2.96 5.75 -2.55
C ILE B 143 2.75 4.65 -3.58
N GLN B 144 1.48 4.46 -3.99
CA GLN B 144 1.17 3.44 -4.96
C GLN B 144 1.89 3.75 -6.26
N VAL B 145 1.86 5.02 -6.67
CA VAL B 145 2.57 5.46 -7.87
C VAL B 145 4.09 5.22 -7.75
N GLN B 146 4.69 5.71 -6.66
CA GLN B 146 6.12 5.49 -6.38
C GLN B 146 6.52 4.01 -6.40
N ASN B 147 5.64 3.13 -5.93
CA ASN B 147 5.92 1.69 -5.96
C ASN B 147 6.16 1.16 -7.37
N LEU B 148 5.48 1.73 -8.36
CA LEU B 148 5.68 1.36 -9.73
C LEU B 148 6.92 2.04 -10.32
N LEU B 149 6.96 3.37 -10.25
CA LEU B 149 8.05 4.15 -10.85
C LEU B 149 9.47 3.78 -10.44
N GLN B 150 9.67 3.47 -9.16
CA GLN B 150 11.01 3.13 -8.64
C GLN B 150 11.57 1.90 -9.33
N LEU B 151 10.71 1.08 -9.91
CA LEU B 151 11.15 -0.15 -10.59
C LEU B 151 11.66 0.18 -11.98
N PHE B 152 11.49 1.43 -12.36
CA PHE B 152 11.90 1.89 -13.68
C PHE B 152 12.84 3.09 -13.59
N ASN B 153 13.36 3.29 -12.38
CA ASN B 153 14.24 4.40 -12.03
C ASN B 153 13.73 5.76 -12.51
N ILE B 154 12.47 6.06 -12.21
CA ILE B 154 11.84 7.30 -12.65
C ILE B 154 11.57 8.20 -11.45
N PRO B 155 12.38 9.25 -11.27
CA PRO B 155 12.15 10.18 -10.17
C PRO B 155 10.75 10.74 -10.20
N GLN B 156 10.16 10.87 -9.02
CA GLN B 156 8.84 11.44 -8.87
C GLN B 156 8.95 12.58 -7.85
N ILE B 157 8.34 13.71 -8.19
CA ILE B 157 8.35 14.89 -7.32
C ILE B 157 6.93 15.34 -7.04
N ALA B 158 6.53 15.25 -5.78
CA ALA B 158 5.20 15.65 -5.36
C ALA B 158 5.16 17.10 -4.87
N TYR B 159 3.95 17.65 -4.83
CA TYR B 159 3.70 19.04 -4.45
C TYR B 159 2.63 19.12 -3.36
N SER B 160 2.09 17.98 -2.93
CA SER B 160 1.08 17.96 -1.86
C SER B 160 1.03 16.70 -0.99
N ALA B 161 1.84 15.69 -1.30
CA ALA B 161 1.84 14.45 -0.53
C ALA B 161 2.74 14.58 0.72
N THR B 162 2.12 14.84 1.86
CA THR B 162 2.82 15.28 3.06
C THR B 162 3.17 14.18 4.08
N SER B 163 2.79 12.94 3.83
CA SER B 163 2.96 11.89 4.83
C SER B 163 4.40 11.63 5.24
N MET B 164 4.62 11.41 6.53
CA MET B 164 5.97 11.08 7.05
C MET B 164 6.57 9.83 6.42
N ASP B 165 5.72 8.85 6.10
CA ASP B 165 6.16 7.57 5.55
C ASP B 165 7.05 7.73 4.34
N LEU B 166 6.76 8.77 3.56
CA LEU B 166 7.43 8.99 2.28
C LEU B 166 8.86 9.51 2.44
N SER B 167 9.21 9.91 3.66
CA SER B 167 10.59 10.28 4.02
C SER B 167 11.56 9.10 3.99
N ASP B 168 11.03 7.88 4.00
CA ASP B 168 11.87 6.65 4.03
C ASP B 168 12.44 6.31 2.64
N LYS B 169 13.74 6.49 2.49
CA LYS B 169 14.39 6.35 1.18
C LYS B 169 14.76 4.92 0.81
N THR B 170 14.74 4.01 1.78
CA THR B 170 14.90 2.60 1.46
C THR B 170 13.65 2.14 0.72
N LEU B 171 12.49 2.57 1.21
CA LEU B 171 11.20 2.21 0.63
C LEU B 171 10.73 3.05 -0.57
N PHE B 172 11.11 4.33 -0.61
CA PHE B 172 10.62 5.27 -1.62
C PHE B 172 11.76 6.09 -2.20
N LYS B 173 12.75 5.39 -2.76
CA LYS B 173 14.03 6.00 -3.16
C LYS B 173 13.88 7.06 -4.26
N TYR B 174 12.98 6.84 -5.20
CA TYR B 174 12.78 7.76 -6.33
C TYR B 174 11.70 8.83 -6.11
N PHE B 175 11.34 9.06 -4.85
CA PHE B 175 10.32 10.04 -4.47
C PHE B 175 10.90 11.23 -3.70
N MET B 176 10.56 12.42 -4.16
CA MET B 176 10.89 13.68 -3.50
C MET B 176 9.69 14.57 -3.53
N ARG B 177 9.74 15.63 -2.72
CA ARG B 177 8.62 16.56 -2.63
C ARG B 177 9.07 18.00 -2.32
N VAL B 178 8.27 18.98 -2.76
CA VAL B 178 8.55 20.41 -2.51
C VAL B 178 7.88 20.95 -1.24
N VAL B 179 7.25 20.06 -0.46
CA VAL B 179 6.57 20.43 0.80
C VAL B 179 7.19 19.73 2.01
N PRO B 180 6.95 20.25 3.23
CA PRO B 180 7.49 19.55 4.40
C PRO B 180 6.60 18.38 4.80
N SER B 181 7.14 17.44 5.59
CA SER B 181 6.38 16.27 6.02
C SER B 181 5.60 16.57 7.30
N ASP B 182 4.59 15.75 7.58
CA ASP B 182 3.66 16.04 8.66
C ASP B 182 4.25 15.81 10.08
N ALA B 183 5.52 15.45 10.14
CA ALA B 183 6.23 15.47 11.43
C ALA B 183 6.11 16.88 12.01
N GLN B 184 6.07 17.86 11.12
CA GLN B 184 5.94 19.26 11.48
C GLN B 184 4.49 19.69 11.58
N GLN B 185 3.65 19.27 10.62
CA GLN B 185 2.25 19.66 10.64
C GLN B 185 1.56 19.18 11.91
N ALA B 186 1.71 17.88 12.20
CA ALA B 186 1.17 17.30 13.43
C ALA B 186 1.72 18.05 14.65
N ARG B 187 3.03 18.31 14.65
CA ARG B 187 3.63 19.12 15.71
C ARG B 187 2.91 20.47 15.90
N ALA B 188 2.58 21.11 14.78
CA ALA B 188 1.85 22.39 14.80
C ALA B 188 0.46 22.25 15.42
N MET B 189 -0.22 21.15 15.09
CA MET B 189 -1.55 20.86 15.60
C MET B 189 -1.51 20.60 17.10
N VAL B 190 -0.50 19.87 17.54
CA VAL B 190 -0.30 19.67 18.97
C VAL B 190 -0.02 20.99 19.68
N ASP B 191 0.72 21.88 19.00
CA ASP B 191 1.04 23.18 19.58
C ASP B 191 -0.15 24.13 19.66
N ILE B 192 -1.09 24.01 18.70
CA ILE B 192 -2.30 24.83 18.73
C ILE B 192 -3.20 24.40 19.90
N VAL B 193 -3.25 23.10 20.13
CA VAL B 193 -4.04 22.56 21.23
C VAL B 193 -3.50 23.08 22.56
N LYS B 194 -2.18 23.07 22.72
CA LYS B 194 -1.54 23.55 23.93
C LYS B 194 -1.81 25.03 24.13
N ARG B 195 -1.65 25.82 23.09
CA ARG B 195 -1.85 27.27 23.21
C ARG B 195 -3.24 27.64 23.71
N TYR B 196 -4.27 26.95 23.23
CA TYR B 196 -5.65 27.28 23.59
C TYR B 196 -6.12 26.56 24.87
N ASN B 197 -5.19 25.84 25.51
CA ASN B 197 -5.39 25.22 26.83
C ASN B 197 -6.38 24.04 26.82
N TRP B 198 -6.38 23.29 25.72
CA TRP B 198 -7.19 22.08 25.62
C TRP B 198 -6.40 20.85 26.05
N THR B 199 -6.98 20.07 26.95
CA THR B 199 -6.32 18.87 27.47
C THR B 199 -7.15 17.65 27.11
N TYR B 200 -8.33 17.91 26.57
CA TYR B 200 -9.28 16.86 26.22
C TYR B 200 -9.91 17.08 24.83
N VAL B 201 -9.55 16.21 23.89
CA VAL B 201 -10.03 16.33 22.49
C VAL B 201 -10.47 14.98 21.89
N SER B 202 -11.13 15.05 20.74
CA SER B 202 -11.45 13.86 19.94
C SER B 202 -10.61 13.84 18.65
N ALA B 203 -10.45 12.67 18.05
CA ALA B 203 -9.63 12.54 16.85
C ALA B 203 -10.38 11.87 15.71
N VAL B 204 -10.29 12.46 14.53
CA VAL B 204 -10.81 11.86 13.32
C VAL B 204 -9.71 11.95 12.25
N HIS B 205 -9.45 10.86 11.54
CA HIS B 205 -8.56 10.93 10.38
C HIS B 205 -9.17 10.25 9.17
N THR B 206 -8.72 10.68 8.01
CA THR B 206 -9.13 10.04 6.79
C THR B 206 -8.36 8.73 6.63
N GLU B 207 -9.10 7.68 6.28
CA GLU B 207 -8.54 6.39 5.94
C GLU B 207 -7.49 6.55 4.87
N GLY B 208 -6.41 5.79 4.98
CA GLY B 208 -5.33 5.93 4.02
C GLY B 208 -4.17 6.56 4.73
N ASN B 209 -3.06 6.66 4.01
CA ASN B 209 -1.76 6.96 4.58
C ASN B 209 -1.59 8.38 5.16
N TYR B 210 -2.19 9.37 4.52
CA TYR B 210 -2.11 10.75 4.99
C TYR B 210 -2.68 10.90 6.41
N GLY B 211 -3.97 10.62 6.55
CA GLY B 211 -4.65 10.71 7.85
C GLY B 211 -4.08 9.76 8.88
N GLU B 212 -3.96 8.49 8.48
CA GLU B 212 -3.50 7.43 9.36
C GLU B 212 -2.14 7.78 9.98
N SER B 213 -1.20 8.19 9.13
CA SER B 213 0.16 8.47 9.57
C SER B 213 0.29 9.79 10.35
N GLY B 214 -0.42 10.81 9.90
CA GLY B 214 -0.47 12.11 10.58
C GLY B 214 -1.10 12.00 11.97
N MET B 215 -2.20 11.26 12.05
CA MET B 215 -2.88 11.07 13.33
C MET B 215 -2.01 10.25 14.29
N GLU B 216 -1.26 9.29 13.76
CA GLU B 216 -0.29 8.54 14.57
C GLU B 216 0.70 9.49 15.26
N ALA B 217 1.27 10.39 14.46
CA ALA B 217 2.20 11.41 14.95
C ALA B 217 1.52 12.32 15.96
N PHE B 218 0.32 12.78 15.63
CA PHE B 218 -0.45 13.62 16.55
C PHE B 218 -0.79 12.90 17.85
N LYS B 219 -1.12 11.62 17.76
CA LYS B 219 -1.48 10.81 18.94
C LYS B 219 -0.28 10.63 19.87
N ASP B 220 0.90 10.46 19.25
CA ASP B 220 2.14 10.23 19.97
C ASP B 220 2.62 11.50 20.67
N MET B 221 2.69 12.60 19.93
CA MET B 221 3.16 13.87 20.46
C MET B 221 2.22 14.35 21.55
N SER B 222 0.92 14.27 21.29
CA SER B 222 -0.09 14.74 22.25
C SER B 222 -0.15 13.94 23.56
N ALA B 223 0.29 12.68 23.54
CA ALA B 223 0.34 11.88 24.77
C ALA B 223 1.52 12.24 25.67
N LYS B 224 2.66 12.58 25.06
CA LYS B 224 3.84 13.06 25.77
C LYS B 224 3.58 14.42 26.40
N GLU B 225 2.79 15.25 25.72
CA GLU B 225 2.54 16.63 26.15
C GLU B 225 1.31 16.74 27.07
N GLY B 226 0.76 15.61 27.50
CA GLY B 226 -0.34 15.57 28.46
C GLY B 226 -1.76 15.80 27.91
N ILE B 227 -1.92 15.66 26.60
CA ILE B 227 -3.22 15.82 25.93
C ILE B 227 -3.92 14.47 25.76
N SER B 228 -5.12 14.35 26.31
CA SER B 228 -5.88 13.12 26.23
C SER B 228 -6.80 13.05 25.02
N ILE B 229 -6.84 11.88 24.41
CA ILE B 229 -7.72 11.65 23.28
C ILE B 229 -8.90 10.76 23.70
N ALA B 230 -10.10 11.32 23.57
CA ALA B 230 -11.35 10.68 23.97
C ALA B 230 -11.59 9.40 23.17
N HIS B 231 -11.59 9.51 21.84
CA HIS B 231 -11.59 8.34 20.97
C HIS B 231 -10.94 8.71 19.64
N SER B 232 -10.30 7.74 19.00
CA SER B 232 -9.77 7.94 17.67
C SER B 232 -10.70 7.26 16.66
N TYR B 233 -11.27 8.04 15.76
CA TYR B 233 -12.12 7.51 14.70
C TYR B 233 -11.48 7.68 13.34
N LYS B 234 -11.93 6.86 12.40
CA LYS B 234 -11.49 6.95 11.03
C LYS B 234 -12.66 6.71 10.08
N ILE B 235 -12.58 7.30 8.89
CA ILE B 235 -13.63 7.17 7.89
C ILE B 235 -13.02 7.44 6.52
N TYR B 236 -13.55 6.78 5.49
CA TYR B 236 -13.15 7.06 4.12
C TYR B 236 -13.86 8.31 3.67
N SER B 237 -13.17 9.14 2.88
CA SER B 237 -13.77 10.36 2.35
C SER B 237 -15.03 10.12 1.55
N ASN B 238 -15.16 8.96 0.90
CA ASN B 238 -16.38 8.66 0.12
C ASN B 238 -17.47 7.78 0.76
N ALA B 239 -17.38 7.57 2.08
CA ALA B 239 -18.45 6.88 2.83
C ALA B 239 -19.79 7.57 2.66
N GLY B 240 -20.86 6.79 2.75
CA GLY B 240 -22.22 7.33 2.65
C GLY B 240 -22.58 8.21 3.82
N GLU B 241 -23.77 8.81 3.75
CA GLU B 241 -24.27 9.69 4.80
C GLU B 241 -24.44 8.96 6.13
N GLN B 242 -24.69 7.65 6.05
CA GLN B 242 -24.95 6.83 7.22
C GLN B 242 -23.69 6.69 8.08
N SER B 243 -22.58 6.39 7.42
CA SER B 243 -21.31 6.25 8.08
C SER B 243 -20.95 7.55 8.79
N PHE B 244 -21.14 8.67 8.09
CA PHE B 244 -20.88 9.98 8.67
C PHE B 244 -21.83 10.33 9.82
N ASP B 245 -23.11 10.02 9.64
CA ASP B 245 -24.09 10.18 10.71
C ASP B 245 -23.64 9.46 11.97
N LYS B 246 -23.24 8.19 11.81
CA LYS B 246 -22.81 7.36 12.94
C LYS B 246 -21.60 7.96 13.62
N LEU B 247 -20.67 8.46 12.81
CA LEU B 247 -19.46 9.07 13.32
C LEU B 247 -19.82 10.31 14.12
N LEU B 248 -20.72 11.12 13.57
CA LEU B 248 -21.19 12.29 14.29
C LEU B 248 -21.85 11.96 15.63
N LYS B 249 -22.67 10.92 15.66
CA LYS B 249 -23.34 10.55 16.90
C LYS B 249 -22.29 10.08 17.90
N LYS B 250 -21.31 9.34 17.42
CA LYS B 250 -20.25 8.84 18.28
C LYS B 250 -19.46 9.99 18.90
N LEU B 251 -19.25 11.06 18.12
CA LEU B 251 -18.58 12.24 18.62
C LEU B 251 -19.39 13.00 19.68
N THR B 252 -20.71 13.08 19.51
CA THR B 252 -21.57 13.68 20.54
C THR B 252 -21.49 12.99 21.90
N SER B 253 -21.25 11.67 21.90
CA SER B 253 -21.17 10.92 23.15
C SER B 253 -20.00 11.36 24.04
N HIS B 254 -19.05 12.09 23.45
CA HIS B 254 -17.92 12.63 24.20
C HIS B 254 -18.10 14.09 24.60
N LEU B 255 -19.22 14.68 24.19
CA LEU B 255 -19.66 15.97 24.69
C LEU B 255 -20.10 15.83 26.14
N PRO B 256 -19.99 16.90 26.94
CA PRO B 256 -19.47 18.22 26.60
C PRO B 256 -17.97 18.39 26.74
N LYS B 257 -17.27 17.33 27.18
CA LYS B 257 -15.83 17.43 27.43
C LYS B 257 -14.98 17.54 26.16
N ALA B 258 -15.33 16.76 25.14
CA ALA B 258 -14.55 16.73 23.91
C ALA B 258 -15.26 17.45 22.74
N ARG B 259 -15.33 18.77 22.81
CA ARG B 259 -15.94 19.54 21.72
C ARG B 259 -14.94 19.91 20.60
N VAL B 260 -13.65 19.84 20.90
CA VAL B 260 -12.63 20.02 19.88
C VAL B 260 -12.25 18.71 19.21
N VAL B 261 -12.30 18.71 17.88
CA VAL B 261 -12.02 17.51 17.10
C VAL B 261 -10.76 17.72 16.25
N ALA B 262 -9.72 16.96 16.56
CA ALA B 262 -8.51 17.00 15.77
C ALA B 262 -8.78 16.20 14.49
N CYS B 263 -8.72 16.87 13.34
CA CYS B 263 -9.03 16.21 12.07
C CYS B 263 -7.84 16.22 11.13
N PHE B 264 -7.09 15.13 11.12
CA PHE B 264 -6.04 14.97 10.11
C PHE B 264 -6.76 14.36 8.93
N CYS B 265 -7.39 15.22 8.15
CA CYS B 265 -8.47 14.82 7.28
C CYS B 265 -8.33 15.42 5.90
N GLU B 266 -8.80 14.67 4.91
CA GLU B 266 -8.98 15.18 3.58
C GLU B 266 -10.11 16.19 3.59
N GLY B 267 -10.03 17.20 2.73
CA GLY B 267 -11.11 18.16 2.58
C GLY B 267 -12.49 17.52 2.53
N MET B 268 -12.63 16.47 1.73
CA MET B 268 -13.94 15.83 1.61
C MET B 268 -14.45 15.09 2.85
N THR B 269 -13.54 14.71 3.75
CA THR B 269 -13.93 14.14 5.03
C THR B 269 -14.54 15.21 5.94
N VAL B 270 -13.90 16.38 6.01
CA VAL B 270 -14.43 17.51 6.78
C VAL B 270 -15.81 17.90 6.25
N ARG B 271 -15.97 17.97 4.92
CA ARG B 271 -17.27 18.29 4.35
C ARG B 271 -18.32 17.28 4.80
N GLY B 272 -17.94 16.00 4.79
CA GLY B 272 -18.81 14.94 5.26
C GLY B 272 -19.26 15.18 6.68
N LEU B 273 -18.32 15.57 7.54
CA LEU B 273 -18.63 15.89 8.94
C LEU B 273 -19.61 17.06 9.00
N LEU B 274 -19.36 18.08 8.18
CA LEU B 274 -20.20 19.26 8.13
C LEU B 274 -21.64 18.92 7.74
N MET B 275 -21.78 18.18 6.65
CA MET B 275 -23.11 17.83 6.13
C MET B 275 -23.89 16.97 7.13
N ALA B 276 -23.17 16.08 7.80
CA ALA B 276 -23.72 15.26 8.87
C ALA B 276 -24.21 16.13 10.02
N MET B 277 -23.47 17.22 10.30
CA MET B 277 -23.92 18.19 11.30
C MET B 277 -25.22 18.87 10.90
N ARG B 278 -25.40 19.11 9.60
CA ARG B 278 -26.63 19.72 9.12
C ARG B 278 -27.82 18.78 9.33
N ARG B 279 -27.66 17.52 8.93
CA ARG B 279 -28.74 16.52 9.02
C ARG B 279 -29.14 16.28 10.47
N LEU B 280 -28.15 16.32 11.35
CA LEU B 280 -28.35 16.04 12.76
C LEU B 280 -28.60 17.31 13.58
N GLY B 281 -28.62 18.46 12.91
CA GLY B 281 -28.79 19.77 13.56
C GLY B 281 -27.76 20.00 14.67
N LEU B 282 -26.48 19.82 14.33
CA LEU B 282 -25.41 19.94 15.33
C LEU B 282 -24.48 21.14 15.10
N ALA B 283 -24.93 22.13 14.32
CA ALA B 283 -24.18 23.37 14.17
C ALA B 283 -23.89 23.98 15.54
N GLY B 284 -22.62 24.33 15.78
CA GLY B 284 -22.19 24.97 17.02
C GLY B 284 -21.94 24.04 18.20
N GLU B 285 -21.70 22.76 17.92
CA GLU B 285 -21.40 21.78 18.98
C GLU B 285 -19.90 21.46 19.03
N PHE B 286 -19.23 21.57 17.90
CA PHE B 286 -17.83 21.18 17.79
C PHE B 286 -17.00 22.30 17.20
N LEU B 287 -15.72 22.27 17.55
CA LEU B 287 -14.70 23.08 16.90
C LEU B 287 -13.77 22.13 16.19
N LEU B 288 -13.66 22.27 14.88
CA LEU B 288 -12.83 21.36 14.13
C LEU B 288 -11.44 21.95 14.00
N LEU B 289 -10.45 21.14 14.34
CA LEU B 289 -9.07 21.54 14.14
C LEU B 289 -8.49 20.69 13.04
N GLY B 290 -8.43 21.25 11.83
CA GLY B 290 -8.08 20.45 10.65
C GLY B 290 -6.71 20.70 10.04
N SER B 291 -6.22 19.66 9.36
CA SER B 291 -4.95 19.69 8.64
C SER B 291 -5.16 20.25 7.24
N ASP B 292 -4.11 20.19 6.42
CA ASP B 292 -4.09 20.82 5.10
C ASP B 292 -5.10 20.30 4.04
N GLY B 293 -5.63 19.11 4.23
CA GLY B 293 -6.71 18.66 3.34
C GLY B 293 -7.80 19.73 3.26
N TRP B 294 -7.96 20.48 4.36
CA TRP B 294 -8.97 21.53 4.50
C TRP B 294 -8.43 22.92 4.19
N ALA B 295 -7.38 23.32 4.93
CA ALA B 295 -6.73 24.61 4.76
C ALA B 295 -7.77 25.72 4.57
N ASP B 296 -7.63 26.52 3.51
CA ASP B 296 -8.63 27.53 3.20
C ASP B 296 -9.54 27.16 2.01
N ARG B 297 -9.93 25.90 1.91
CA ARG B 297 -10.72 25.43 0.77
C ARG B 297 -12.21 25.73 0.90
N TYR B 298 -12.72 26.59 0.00
CA TYR B 298 -14.14 26.94 0.01
C TYR B 298 -15.08 25.79 -0.36
N ASP B 299 -14.67 24.91 -1.28
CA ASP B 299 -15.48 23.73 -1.68
C ASP B 299 -15.81 22.79 -0.51
N VAL B 300 -14.96 22.83 0.53
CA VAL B 300 -15.19 22.08 1.78
C VAL B 300 -16.37 22.67 2.54
N THR B 301 -16.41 24.00 2.66
CA THR B 301 -17.32 24.69 3.59
C THR B 301 -18.56 25.27 2.92
N ASP B 302 -18.47 25.51 1.61
CA ASP B 302 -19.58 26.11 0.86
C ASP B 302 -20.89 25.36 1.06
N GLY B 303 -21.94 26.10 1.40
CA GLY B 303 -23.26 25.52 1.69
C GLY B 303 -23.42 25.05 3.13
N TYR B 304 -22.31 25.02 3.87
CA TYR B 304 -22.28 24.44 5.21
C TYR B 304 -21.46 25.30 6.20
N GLN B 305 -21.61 26.62 6.09
CA GLN B 305 -20.81 27.58 6.85
C GLN B 305 -21.09 27.63 8.33
N ARG B 306 -22.37 27.66 8.70
CA ARG B 306 -22.78 27.68 10.11
C ARG B 306 -22.20 26.50 10.91
N GLU B 307 -22.10 25.35 10.26
CA GLU B 307 -21.61 24.17 10.97
C GLU B 307 -20.09 24.13 11.03
N ALA B 308 -19.46 24.96 10.20
CA ALA B 308 -18.00 25.02 10.18
C ALA B 308 -17.43 26.17 11.01
N VAL B 309 -18.26 27.17 11.32
CA VAL B 309 -17.75 28.38 11.94
C VAL B 309 -17.06 28.07 13.27
N GLY B 310 -15.93 28.75 13.51
CA GLY B 310 -15.07 28.48 14.66
C GLY B 310 -13.89 27.60 14.29
N GLY B 311 -13.97 26.95 13.13
CA GLY B 311 -12.96 26.01 12.67
C GLY B 311 -11.54 26.56 12.60
N ILE B 312 -10.57 25.77 13.06
CA ILE B 312 -9.17 26.15 12.89
C ILE B 312 -8.51 25.19 11.93
N THR B 313 -7.86 25.73 10.91
CA THR B 313 -7.20 24.89 9.90
C THR B 313 -5.75 25.26 9.72
N ILE B 314 -4.98 24.32 9.18
CA ILE B 314 -3.58 24.53 8.89
C ILE B 314 -3.37 24.54 7.39
N LYS B 315 -2.66 25.56 6.92
CA LYS B 315 -2.38 25.68 5.50
C LYS B 315 -0.88 25.74 5.35
N LEU B 316 -0.35 25.03 4.36
CA LEU B 316 1.08 25.18 4.02
C LEU B 316 1.30 26.54 3.38
N GLN B 317 2.28 27.30 3.87
CA GLN B 317 2.59 28.61 3.28
C GLN B 317 2.92 28.49 1.78
N SER B 318 2.11 29.17 0.97
CA SER B 318 2.24 29.15 -0.49
C SER B 318 1.57 30.40 -1.08
N PRO B 319 2.38 31.38 -1.51
CA PRO B 319 1.83 32.59 -2.10
C PRO B 319 1.34 32.33 -3.52
N ASP B 320 0.31 33.07 -3.91
CA ASP B 320 -0.17 33.08 -5.29
C ASP B 320 0.97 33.40 -6.24
N VAL B 321 0.99 32.71 -7.38
CA VAL B 321 1.91 33.07 -8.44
C VAL B 321 1.19 34.02 -9.36
N LYS B 322 1.72 35.24 -9.45
CA LYS B 322 1.08 36.31 -10.20
C LYS B 322 0.82 35.89 -11.66
N TRP B 323 1.84 35.38 -12.32
CA TRP B 323 1.75 35.13 -13.75
C TRP B 323 0.82 34.02 -14.16
N PHE B 324 0.31 33.26 -13.20
CA PHE B 324 -0.63 32.20 -13.51
C PHE B 324 -1.99 32.75 -13.89
N ASP B 325 -2.51 33.69 -13.10
CA ASP B 325 -3.84 34.24 -13.35
C ASP B 325 -3.93 34.94 -14.70
N ASP B 326 -2.90 35.73 -15.03
CA ASP B 326 -2.82 36.42 -16.31
C ASP B 326 -3.03 35.44 -17.45
N TYR B 327 -2.28 34.34 -17.41
CA TYR B 327 -2.38 33.31 -18.42
C TYR B 327 -3.75 32.63 -18.40
N TYR B 328 -4.17 32.20 -17.21
CA TYR B 328 -5.35 31.34 -17.06
C TYR B 328 -6.67 32.02 -17.37
N LEU B 329 -6.81 33.28 -16.94
CA LEU B 329 -8.08 33.97 -17.02
C LEU B 329 -8.33 34.50 -18.42
N LYS B 330 -7.37 34.26 -19.30
CA LYS B 330 -7.50 34.62 -20.71
C LYS B 330 -7.94 33.44 -21.58
N LEU B 331 -7.93 32.25 -20.98
CA LEU B 331 -8.23 31.01 -21.69
C LEU B 331 -9.68 30.94 -22.18
N ARG B 332 -9.86 30.38 -23.37
CA ARG B 332 -11.16 30.31 -24.01
C ARG B 332 -11.46 28.90 -24.52
N PRO B 333 -12.66 28.37 -24.24
CA PRO B 333 -13.03 27.03 -24.69
C PRO B 333 -12.94 26.82 -26.21
N GLU B 334 -13.21 27.87 -26.99
CA GLU B 334 -13.12 27.74 -28.44
C GLU B 334 -11.69 27.57 -28.95
N THR B 335 -10.70 27.99 -28.16
CA THR B 335 -9.31 27.97 -28.63
C THR B 335 -8.34 27.30 -27.70
N ASN B 336 -8.84 26.71 -26.61
CA ASN B 336 -7.96 25.97 -25.70
C ASN B 336 -8.06 24.46 -25.95
N HIS B 337 -7.57 24.05 -27.10
CA HIS B 337 -7.66 22.67 -27.57
C HIS B 337 -6.64 21.80 -26.88
N ARG B 338 -5.44 22.36 -26.62
CA ARG B 338 -4.34 21.57 -26.08
C ARG B 338 -4.65 20.98 -24.70
N ASN B 339 -5.62 21.57 -24.00
CA ASN B 339 -6.13 21.00 -22.75
C ASN B 339 -7.46 20.30 -23.04
N PRO B 340 -7.44 18.96 -23.10
CA PRO B 340 -8.58 18.19 -23.62
C PRO B 340 -9.75 18.05 -22.64
N TRP B 341 -9.57 18.52 -21.41
CA TRP B 341 -10.64 18.53 -20.39
C TRP B 341 -11.30 19.90 -20.29
N PHE B 342 -10.76 20.88 -20.99
CA PHE B 342 -11.17 22.27 -20.79
C PHE B 342 -12.62 22.53 -21.15
N GLN B 343 -13.05 22.02 -22.30
CA GLN B 343 -14.42 22.22 -22.75
C GLN B 343 -15.39 21.59 -21.76
N GLU B 344 -15.14 20.35 -21.36
CA GLU B 344 -15.89 19.71 -20.27
C GLU B 344 -15.98 20.63 -19.04
N PHE B 345 -14.85 21.16 -18.60
CA PHE B 345 -14.79 22.02 -17.41
C PHE B 345 -15.59 23.31 -17.55
N TRP B 346 -15.39 23.99 -18.67
CA TRP B 346 -16.10 25.23 -18.98
C TRP B 346 -17.61 25.04 -18.94
N GLN B 347 -18.08 23.92 -19.49
CA GLN B 347 -19.50 23.64 -19.55
C GLN B 347 -20.04 23.34 -18.16
N HIS B 348 -19.21 22.68 -17.34
CA HIS B 348 -19.58 22.36 -15.96
C HIS B 348 -19.68 23.62 -15.11
N ARG B 349 -18.59 24.39 -15.07
CA ARG B 349 -18.49 25.67 -14.37
C ARG B 349 -19.69 26.62 -14.60
N PHE B 350 -20.15 26.73 -15.85
CA PHE B 350 -21.15 27.73 -16.19
C PHE B 350 -22.53 27.12 -16.44
N GLN B 351 -22.60 25.80 -16.37
CA GLN B 351 -23.85 25.02 -16.52
C GLN B 351 -24.51 25.26 -17.87
N CYS B 352 -23.70 25.25 -18.93
CA CYS B 352 -24.18 25.58 -20.27
C CYS B 352 -23.56 24.66 -21.32
N ARG B 353 -24.20 24.59 -22.48
CA ARG B 353 -23.68 23.82 -23.61
C ARG B 353 -22.93 24.72 -24.58
N LEU B 354 -21.74 24.28 -25.01
CA LEU B 354 -20.97 25.01 -26.01
C LEU B 354 -21.43 24.65 -27.41
N GLU B 355 -21.62 25.68 -28.25
CA GLU B 355 -22.04 25.48 -29.63
C GLU B 355 -20.90 24.94 -30.49
N GLY B 356 -20.28 23.86 -30.02
CA GLY B 356 -19.22 23.17 -30.73
C GLY B 356 -19.70 21.87 -31.35
N LYS B 363 -25.88 17.12 -20.06
CA LYS B 363 -26.87 17.88 -20.83
C LYS B 363 -27.43 19.03 -20.01
N TYR B 364 -27.21 20.25 -20.49
CA TYR B 364 -27.58 21.46 -19.78
C TYR B 364 -28.72 22.17 -20.51
N ASN B 365 -29.56 22.89 -19.76
CA ASN B 365 -30.75 23.54 -20.32
C ASN B 365 -30.51 24.87 -21.04
N LYS B 366 -29.28 25.37 -20.99
CA LYS B 366 -28.93 26.64 -21.64
C LYS B 366 -27.76 26.51 -22.62
N THR B 367 -27.45 27.60 -23.34
CA THR B 367 -26.25 27.68 -24.18
C THR B 367 -25.23 28.64 -23.54
N CYS B 368 -23.94 28.39 -23.80
CA CYS B 368 -22.85 29.20 -23.23
C CYS B 368 -22.77 30.61 -23.85
N ASN B 369 -23.06 31.61 -23.02
CA ASN B 369 -22.96 33.03 -23.40
C ASN B 369 -21.55 33.42 -23.82
N SER B 370 -21.47 34.36 -24.74
CA SER B 370 -20.18 34.82 -25.27
C SER B 370 -19.32 35.51 -24.21
N SER B 371 -19.98 36.18 -23.27
CA SER B 371 -19.29 37.05 -22.31
C SER B 371 -18.93 36.33 -21.01
N LEU B 372 -19.03 35.01 -21.01
CA LEU B 372 -18.58 34.19 -19.89
C LEU B 372 -17.09 34.36 -19.71
N THR B 373 -16.66 34.61 -18.48
CA THR B 373 -15.24 34.74 -18.16
C THR B 373 -14.95 34.11 -16.81
N LEU B 374 -13.74 33.58 -16.68
CA LEU B 374 -13.29 32.95 -15.45
C LEU B 374 -12.99 33.98 -14.35
N LYS B 375 -12.73 35.23 -14.76
CA LYS B 375 -12.41 36.30 -13.82
C LYS B 375 -13.53 36.47 -12.79
N THR B 376 -14.71 36.01 -13.15
CA THR B 376 -15.84 35.98 -12.23
C THR B 376 -15.62 34.85 -11.23
N HIS B 377 -15.68 35.19 -9.94
CA HIS B 377 -15.48 34.23 -8.84
C HIS B 377 -14.15 33.44 -8.90
N HIS B 378 -13.10 34.03 -9.46
CA HIS B 378 -11.82 33.30 -9.54
C HIS B 378 -11.12 33.10 -8.20
N VAL B 379 -10.67 31.87 -7.96
CA VAL B 379 -9.87 31.51 -6.79
C VAL B 379 -8.72 30.61 -7.23
N GLN B 380 -7.49 31.08 -7.03
CA GLN B 380 -6.32 30.29 -7.38
C GLN B 380 -6.12 29.15 -6.40
N ASP B 381 -5.72 27.99 -6.90
CA ASP B 381 -5.46 26.80 -6.10
C ASP B 381 -4.41 27.15 -5.04
N SER B 382 -4.67 26.80 -3.78
CA SER B 382 -3.81 27.21 -2.66
C SER B 382 -2.43 26.61 -2.74
N LYS B 383 -2.30 25.52 -3.49
CA LYS B 383 -1.05 24.79 -3.64
C LYS B 383 -0.34 25.06 -4.97
N MET B 384 -0.75 26.10 -5.69
CA MET B 384 -0.24 26.40 -7.03
C MET B 384 1.28 26.56 -7.08
N GLY B 385 1.82 27.34 -6.13
CA GLY B 385 3.24 27.56 -6.02
C GLY B 385 4.02 26.28 -5.82
N PHE B 386 3.42 25.32 -5.15
CA PHE B 386 4.06 24.02 -4.95
C PHE B 386 4.13 23.24 -6.26
N VAL B 387 3.04 23.26 -7.03
CA VAL B 387 3.00 22.60 -8.34
C VAL B 387 4.13 23.16 -9.20
N ILE B 388 4.09 24.48 -9.37
CA ILE B 388 5.09 25.19 -10.16
C ILE B 388 6.53 24.94 -9.67
N ASN B 389 6.75 24.99 -8.37
CA ASN B 389 8.07 24.65 -7.85
C ASN B 389 8.48 23.18 -8.07
N ALA B 390 7.51 22.27 -8.10
CA ALA B 390 7.81 20.88 -8.36
C ALA B 390 8.29 20.71 -9.79
N ILE B 391 7.62 21.41 -10.72
CA ILE B 391 7.95 21.34 -12.13
C ILE B 391 9.35 21.91 -12.39
N TYR B 392 9.66 22.98 -11.66
CA TYR B 392 10.98 23.62 -11.77
C TYR B 392 12.11 22.76 -11.21
N SER B 393 11.85 22.06 -10.11
CA SER B 393 12.84 21.13 -9.55
C SER B 393 13.26 20.14 -10.62
N MET B 394 12.27 19.59 -11.32
CA MET B 394 12.52 18.60 -12.36
C MET B 394 13.38 19.21 -13.47
N ALA B 395 13.00 20.39 -13.94
CA ALA B 395 13.75 21.09 -14.98
C ALA B 395 15.19 21.39 -14.55
N TYR B 396 15.36 21.98 -13.37
CA TYR B 396 16.69 22.29 -12.83
C TYR B 396 17.50 21.01 -12.58
N GLY B 397 16.82 19.94 -12.18
CA GLY B 397 17.47 18.64 -12.04
C GLY B 397 18.02 18.20 -13.38
N LEU B 398 17.24 18.42 -14.43
CA LEU B 398 17.63 17.99 -15.77
C LEU B 398 18.75 18.86 -16.31
N HIS B 399 18.56 20.18 -16.23
CA HIS B 399 19.57 21.14 -16.63
C HIS B 399 20.93 20.83 -16.00
N ASN B 400 20.94 20.60 -14.69
CA ASN B 400 22.20 20.33 -13.99
C ASN B 400 22.92 19.08 -14.48
N MET B 401 22.15 18.00 -14.62
CA MET B 401 22.65 16.76 -15.21
C MET B 401 23.31 17.05 -16.55
N GLN B 402 22.63 17.84 -17.38
CA GLN B 402 23.12 18.21 -18.71
C GLN B 402 24.47 18.92 -18.63
N MET B 403 24.62 19.80 -17.66
CA MET B 403 25.87 20.58 -17.51
C MET B 403 27.04 19.68 -17.13
N SER B 404 26.79 18.68 -16.29
CA SER B 404 27.87 17.76 -15.90
C SER B 404 28.16 16.66 -16.92
N LEU B 405 27.09 16.09 -17.51
CA LEU B 405 27.24 15.02 -18.48
C LEU B 405 27.49 15.50 -19.92
N CYS B 406 27.08 16.74 -20.20
CA CYS B 406 27.35 17.36 -21.50
C CYS B 406 28.04 18.73 -21.33
N PRO B 407 29.30 18.73 -20.82
CA PRO B 407 30.03 19.94 -20.38
C PRO B 407 30.18 21.10 -21.38
N GLY B 408 30.39 20.81 -22.67
CA GLY B 408 30.57 21.90 -23.63
C GLY B 408 29.61 21.84 -24.81
N TYR B 409 28.54 21.05 -24.65
CA TYR B 409 27.62 20.72 -25.74
C TYR B 409 26.32 21.50 -25.54
N ALA B 410 25.63 21.77 -26.65
CA ALA B 410 24.36 22.50 -26.61
C ALA B 410 23.18 21.57 -26.90
N GLY B 411 22.50 21.13 -25.85
CA GLY B 411 21.41 20.17 -26.00
C GLY B 411 21.79 18.81 -25.45
N LEU B 412 21.08 17.78 -25.94
CA LEU B 412 21.29 16.42 -25.46
C LEU B 412 22.43 15.73 -26.21
N CYS B 413 23.53 15.49 -25.50
CA CYS B 413 24.66 14.76 -26.03
C CYS B 413 24.42 13.27 -25.79
N ASP B 414 25.24 12.42 -26.42
CA ASP B 414 25.00 10.96 -26.31
C ASP B 414 24.82 10.44 -24.88
N ALA B 415 25.54 11.06 -23.93
CA ALA B 415 25.59 10.62 -22.54
C ALA B 415 24.23 10.72 -21.87
N MET B 416 23.35 11.51 -22.48
CA MET B 416 22.00 11.68 -22.02
C MET B 416 21.01 11.10 -23.03
N LYS B 417 21.51 10.22 -23.90
CA LYS B 417 20.66 9.50 -24.85
C LYS B 417 20.82 7.99 -24.67
N PRO B 418 19.97 7.39 -23.82
CA PRO B 418 18.89 8.04 -23.11
C PRO B 418 19.28 8.54 -21.71
N ILE B 419 18.40 9.30 -21.09
CA ILE B 419 18.59 9.81 -19.74
C ILE B 419 18.55 8.65 -18.76
N ASP B 420 19.56 8.57 -17.90
CA ASP B 420 19.61 7.53 -16.89
C ASP B 420 18.96 8.01 -15.59
N GLY B 421 17.78 7.46 -15.29
CA GLY B 421 17.01 7.82 -14.11
C GLY B 421 17.80 7.91 -12.81
N ARG B 422 18.75 6.99 -12.64
CA ARG B 422 19.55 6.94 -11.41
C ARG B 422 20.42 8.19 -11.27
N LYS B 423 20.94 8.69 -12.38
CA LYS B 423 21.74 9.91 -12.35
C LYS B 423 20.84 11.13 -12.22
N LEU B 424 19.64 11.07 -12.80
CA LEU B 424 18.69 12.17 -12.64
C LEU B 424 18.31 12.34 -11.18
N LEU B 425 18.01 11.22 -10.51
CA LEU B 425 17.75 11.21 -9.08
C LEU B 425 18.92 11.81 -8.27
N GLU B 426 20.16 11.48 -8.63
CA GLU B 426 21.32 12.08 -7.97
C GLU B 426 21.32 13.60 -8.14
N SER B 427 20.99 14.03 -9.35
CA SER B 427 20.91 15.45 -9.69
C SER B 427 19.79 16.14 -8.91
N LEU B 428 18.63 15.49 -8.88
CA LEU B 428 17.46 16.01 -8.15
C LEU B 428 17.69 16.05 -6.65
N MET B 429 18.32 15.02 -6.09
CA MET B 429 18.64 15.01 -4.66
C MET B 429 19.55 16.16 -4.22
N LYS B 430 20.23 16.80 -5.17
CA LYS B 430 21.07 17.96 -4.87
C LYS B 430 20.41 19.26 -5.39
N THR B 431 19.12 19.40 -5.09
CA THR B 431 18.27 20.49 -5.59
C THR B 431 18.53 21.77 -4.81
N ASN B 432 18.96 22.79 -5.54
CA ASN B 432 19.29 24.08 -4.96
C ASN B 432 18.94 25.16 -5.98
N PHE B 433 17.81 25.85 -5.76
CA PHE B 433 17.39 26.94 -6.66
C PHE B 433 16.46 27.95 -5.97
N THR B 434 16.18 29.04 -6.68
CA THR B 434 15.24 30.05 -6.20
C THR B 434 13.87 29.81 -6.81
N GLY B 435 12.88 29.63 -5.93
CA GLY B 435 11.51 29.30 -6.34
C GLY B 435 10.81 30.33 -7.20
N VAL B 436 9.58 30.01 -7.60
CA VAL B 436 8.72 30.94 -8.32
C VAL B 436 8.36 32.16 -7.47
N SER B 437 8.32 31.97 -6.16
CA SER B 437 7.97 33.02 -5.23
C SER B 437 9.19 33.63 -4.52
N GLY B 438 10.39 33.31 -5.03
CA GLY B 438 11.63 33.87 -4.49
C GLY B 438 12.26 33.16 -3.29
N ASP B 439 11.62 32.10 -2.79
CA ASP B 439 12.24 31.27 -1.74
C ASP B 439 13.25 30.30 -2.35
N THR B 440 14.22 29.87 -1.56
CA THR B 440 15.15 28.84 -1.99
C THR B 440 14.51 27.47 -1.75
N ILE B 441 14.59 26.62 -2.76
CA ILE B 441 14.06 25.27 -2.67
C ILE B 441 15.23 24.30 -2.67
N LEU B 442 15.37 23.60 -1.55
CA LEU B 442 16.46 22.65 -1.34
C LEU B 442 15.89 21.33 -0.82
N PHE B 443 16.54 20.22 -1.15
CA PHE B 443 16.11 18.91 -0.63
C PHE B 443 17.05 18.43 0.46
N ASP B 444 16.51 17.76 1.47
CA ASP B 444 17.35 17.09 2.45
C ASP B 444 17.61 15.64 2.03
N GLU B 445 18.42 14.93 2.80
CA GLU B 445 18.80 13.55 2.48
C GLU B 445 17.63 12.57 2.44
N ASN B 446 16.46 13.01 2.91
CA ASN B 446 15.22 12.23 2.83
C ASN B 446 14.34 12.60 1.64
N GLY B 447 14.77 13.57 0.84
CA GLY B 447 14.01 14.06 -0.29
C GLY B 447 12.90 15.00 0.11
N ASP B 448 13.01 15.58 1.30
CA ASP B 448 11.98 16.47 1.80
C ASP B 448 12.45 17.90 1.64
N SER B 449 11.55 18.84 1.90
CA SER B 449 11.83 20.25 1.72
C SER B 449 11.30 21.04 2.88
N PRO B 450 12.06 22.06 3.32
CA PRO B 450 11.57 22.94 4.37
C PRO B 450 10.35 23.68 3.88
N GLY B 451 9.46 23.98 4.82
CA GLY B 451 8.30 24.81 4.58
C GLY B 451 7.78 25.34 5.89
N ARG B 452 6.65 26.03 5.84
CA ARG B 452 6.00 26.55 7.04
C ARG B 452 4.49 26.65 6.84
N TYR B 453 3.77 27.01 7.89
CA TYR B 453 2.31 26.93 7.90
C TYR B 453 1.66 28.24 8.33
N GLU B 454 0.54 28.54 7.70
CA GLU B 454 -0.37 29.59 8.15
C GLU B 454 -1.52 28.92 8.88
N ILE B 455 -2.01 29.53 9.95
CA ILE B 455 -3.13 28.99 10.72
C ILE B 455 -4.37 29.84 10.44
N MET B 456 -5.39 29.22 9.89
CA MET B 456 -6.62 29.95 9.57
C MET B 456 -7.69 29.72 10.62
N ASN B 457 -8.48 30.76 10.89
CA ASN B 457 -9.74 30.63 11.60
C ASN B 457 -10.85 30.87 10.59
N PHE B 458 -11.87 30.01 10.61
CA PHE B 458 -13.05 30.22 9.80
C PHE B 458 -14.09 30.99 10.61
N LYS B 459 -14.15 32.31 10.37
CA LYS B 459 -14.93 33.27 11.17
C LYS B 459 -16.24 33.73 10.52
N GLU B 460 -17.19 34.16 11.35
CA GLU B 460 -18.30 34.97 10.87
C GLU B 460 -17.80 36.42 10.72
N MET B 461 -17.85 36.94 9.50
CA MET B 461 -17.46 38.33 9.23
C MET B 461 -18.66 39.30 9.10
N GLY B 462 -19.82 38.91 9.63
CA GLY B 462 -21.04 39.71 9.52
C GLY B 462 -22.20 38.83 9.10
N LYS B 463 -23.41 39.36 9.23
CA LYS B 463 -24.64 38.60 8.96
C LYS B 463 -24.50 37.79 7.68
N ASP B 464 -24.62 36.48 7.81
CA ASP B 464 -24.65 35.52 6.69
C ASP B 464 -23.41 35.53 5.78
N TYR B 465 -22.28 35.98 6.31
CA TYR B 465 -21.02 35.98 5.55
C TYR B 465 -19.82 35.47 6.35
N PHE B 466 -19.19 34.41 5.84
CA PHE B 466 -18.10 33.72 6.53
C PHE B 466 -16.85 33.65 5.66
N ASP B 467 -15.68 33.62 6.27
CA ASP B 467 -14.43 33.55 5.51
C ASP B 467 -13.24 33.06 6.33
N TYR B 468 -12.19 32.60 5.62
CA TYR B 468 -10.95 32.15 6.24
C TYR B 468 -10.10 33.36 6.58
N ILE B 469 -9.62 33.39 7.82
CA ILE B 469 -8.89 34.54 8.33
C ILE B 469 -7.58 34.06 8.90
N ASN B 470 -6.49 34.61 8.41
CA ASN B 470 -5.18 34.26 8.92
C ASN B 470 -5.07 34.74 10.36
N VAL B 471 -4.75 33.82 11.26
CA VAL B 471 -4.73 34.14 12.68
C VAL B 471 -3.38 33.84 13.33
N GLY B 472 -2.54 33.10 12.63
CA GLY B 472 -1.25 32.72 13.17
C GLY B 472 -0.35 32.03 12.17
N SER B 473 0.78 31.55 12.66
CA SER B 473 1.71 30.82 11.81
C SER B 473 2.51 29.82 12.62
N TRP B 474 3.18 28.90 11.93
CA TRP B 474 4.05 27.93 12.56
C TRP B 474 5.25 27.69 11.65
N ASP B 475 6.45 27.79 12.21
CA ASP B 475 7.66 27.67 11.41
C ASP B 475 8.82 27.15 12.25
N ASN B 476 9.38 26.02 11.78
CA ASN B 476 10.54 25.39 12.41
C ASN B 476 10.45 25.33 13.93
N GLY B 477 9.28 24.94 14.44
CA GLY B 477 9.07 24.77 15.88
C GLY B 477 8.42 25.91 16.64
N GLU B 478 8.39 27.10 16.04
CA GLU B 478 7.82 28.27 16.69
C GLU B 478 6.37 28.53 16.25
N LEU B 479 5.43 28.43 17.19
CA LEU B 479 4.06 28.87 16.97
C LEU B 479 3.93 30.34 17.38
N LYS B 480 3.29 31.14 16.52
CA LYS B 480 3.00 32.54 16.79
C LYS B 480 1.55 32.84 16.40
N MET B 481 0.77 33.32 17.36
CA MET B 481 -0.64 33.60 17.11
C MET B 481 -0.90 35.10 17.27
N ASP B 482 -1.98 35.58 16.66
CA ASP B 482 -2.34 37.00 16.75
C ASP B 482 -3.22 37.27 17.98
#